data_2IKU
#
_entry.id   2IKU
#
_cell.length_a   141.162
_cell.length_b   141.162
_cell.length_c   141.162
_cell.angle_alpha   90.000
_cell.angle_beta   90.000
_cell.angle_gamma   90.000
#
_symmetry.space_group_name_H-M   'P 21 3'
#
loop_
_entity.id
_entity.type
_entity.pdbx_description
1 polymer Renin
2 non-polymer 6-ETHYL-5-[(2S)-1-(3-METHOXYPROPYL)-2-PHENYL-1,2,3,4-TETRAHYDROQUINOLIN-7-YL]PYRIMIDINE-2,4-DIAMINE
3 water water
#
_entity_poly.entity_id   1
_entity_poly.type   'polypeptide(L)'
_entity_poly.pdbx_seq_one_letter_code
;LTLGNTTSSVILTNYMDTQYYGEIGIGTPPQTFKVVFDTGSSNVWVPSSKCSRLYTACVYHKLFDASDSSSYKHNGTELT
LRYSTGTVSGFLSQDIITVGGITVTQMFGEVTEMPALPFMLAEFDGVVGMGFIEQAIGRVTPIFDNIISQGVLKEDVFSF
YYNRDSENSQSLGGQIVLGGSDPQHYEGNFHYINLIKTGVWQIQMKGVSVGSSTLLCEDGCLALVDTGASYISGSTSSIE
KLMEALGAKKRLFDYVVKCNEGPTLPDISFHLGGKEYTLTSADYVFQESYSSKKLCTLAIHAMDIPPPTGPTWALGATFI
RKFYTEFDRRNNRIGFALAR
;
_entity_poly.pdbx_strand_id   A,B
#
loop_
_chem_comp.id
_chem_comp.type
_chem_comp.name
_chem_comp.formula
LIY non-polymer 6-ETHYL-5-[(2S)-1-(3-METHOXYPROPYL)-2-PHENYL-1,2,3,4-TETRAHYDROQUINOLIN-7-YL]PYRIMIDINE-2,4-DIAMINE 'C25 H31 N5 O'
#
# COMPACT_ATOMS: atom_id res chain seq x y z
N GLY A 4 -18.30 -1.65 -29.85
CA GLY A 4 -18.70 -2.95 -29.21
C GLY A 4 -19.03 -2.76 -27.74
N ASN A 5 -19.23 -3.87 -27.02
CA ASN A 5 -19.67 -3.79 -25.62
C ASN A 5 -18.95 -4.67 -24.60
N THR A 6 -17.96 -5.47 -25.03
CA THR A 6 -17.29 -6.39 -24.09
C THR A 6 -16.07 -5.77 -23.41
N THR A 7 -15.70 -6.31 -22.27
CA THR A 7 -14.39 -6.07 -21.69
C THR A 7 -13.87 -7.40 -21.15
N SER A 8 -12.54 -7.56 -21.13
CA SER A 8 -11.92 -8.78 -20.59
C SER A 8 -10.84 -8.39 -19.63
N SER A 9 -10.70 -9.16 -18.58
CA SER A 9 -9.58 -8.98 -17.71
C SER A 9 -8.75 -10.25 -17.63
N VAL A 10 -7.46 -10.04 -17.38
CA VAL A 10 -6.50 -11.09 -17.16
C VAL A 10 -5.99 -10.91 -15.74
N ILE A 11 -6.03 -11.99 -14.97
CA ILE A 11 -5.47 -11.97 -13.63
C ILE A 11 -3.94 -12.07 -13.73
N LEU A 12 -3.25 -11.24 -12.97
CA LEU A 12 -1.79 -11.23 -12.96
C LEU A 12 -1.25 -11.79 -11.64
N THR A 13 -0.06 -12.38 -11.70
CA THR A 13 0.67 -12.86 -10.56
C THR A 13 1.73 -11.82 -10.24
N ASN A 14 2.01 -11.62 -8.96
CA ASN A 14 3.00 -10.65 -8.50
C ASN A 14 4.18 -11.41 -7.89
N TYR A 15 5.35 -11.20 -8.46
CA TYR A 15 6.56 -11.88 -8.04
C TYR A 15 7.53 -10.88 -7.42
N MET A 16 7.69 -11.02 -6.10
CA MET A 16 8.63 -10.20 -5.32
CA MET A 16 8.58 -10.19 -5.26
C MET A 16 8.51 -8.72 -5.63
N ASP A 17 7.32 -8.27 -6.03
CA ASP A 17 7.06 -6.89 -6.40
C ASP A 17 7.87 -6.36 -7.58
N THR A 18 8.49 -7.25 -8.36
CA THR A 18 9.34 -6.79 -9.47
C THR A 18 8.92 -7.34 -10.82
N GLN A 19 8.06 -8.36 -10.83
CA GLN A 19 7.54 -8.93 -12.08
C GLN A 19 6.05 -9.24 -11.90
N TYR A 20 5.25 -8.70 -12.81
CA TYR A 20 3.81 -8.94 -12.89
C TYR A 20 3.49 -9.57 -14.26
N TYR A 21 2.84 -10.73 -14.23
CA TYR A 21 2.57 -11.43 -15.47
C TYR A 21 1.26 -12.15 -15.40
N GLY A 22 0.64 -12.34 -16.57
CA GLY A 22 -0.58 -13.11 -16.71
C GLY A 22 -0.35 -14.18 -17.75
N GLU A 23 -1.39 -14.96 -18.01
CA GLU A 23 -1.33 -16.07 -18.92
C GLU A 23 -1.94 -15.72 -20.26
N ILE A 24 -1.35 -16.22 -21.34
CA ILE A 24 -1.95 -16.21 -22.68
C ILE A 24 -1.81 -17.61 -23.28
N GLY A 25 -2.68 -17.94 -24.22
CA GLY A 25 -2.61 -19.20 -24.97
C GLY A 25 -2.23 -18.93 -26.40
N ILE A 26 -1.30 -19.71 -26.95
CA ILE A 26 -0.92 -19.56 -28.35
C ILE A 26 -1.08 -20.90 -29.08
N GLY A 27 -1.73 -20.89 -30.23
CA GLY A 27 -1.83 -22.11 -31.04
C GLY A 27 -3.05 -22.98 -30.80
N THR A 28 -3.14 -24.05 -31.58
CA THR A 28 -4.27 -24.97 -31.54
C THR A 28 -3.71 -26.38 -31.52
N PRO A 29 -3.87 -27.10 -30.39
CA PRO A 29 -4.48 -26.61 -29.15
C PRO A 29 -3.55 -25.59 -28.47
N PRO A 30 -4.10 -24.81 -27.51
CA PRO A 30 -3.33 -23.74 -26.92
C PRO A 30 -2.10 -24.25 -26.19
N GLN A 31 -0.96 -23.62 -26.45
CA GLN A 31 0.24 -23.73 -25.65
C GLN A 31 0.30 -22.43 -24.83
N THR A 32 0.33 -22.58 -23.49
CA THR A 32 0.20 -21.45 -22.56
C THR A 32 1.55 -20.87 -22.17
N PHE A 33 1.56 -19.60 -21.78
CA PHE A 33 2.79 -18.87 -21.47
C PHE A 33 2.51 -17.77 -20.42
N LYS A 34 3.46 -17.61 -19.49
CA LYS A 34 3.42 -16.48 -18.56
C LYS A 34 4.07 -15.32 -19.27
N VAL A 35 3.35 -14.21 -19.38
CA VAL A 35 3.88 -13.04 -20.09
C VAL A 35 3.62 -11.72 -19.34
N VAL A 36 4.56 -10.77 -19.50
CA VAL A 36 4.38 -9.43 -18.92
C VAL A 36 3.67 -8.53 -19.92
N PHE A 37 2.64 -7.84 -19.48
CA PHE A 37 1.95 -6.90 -20.38
C PHE A 37 2.63 -5.56 -20.22
N ASP A 38 3.25 -5.14 -21.32
CA ASP A 38 4.33 -4.14 -21.27
C ASP A 38 4.04 -2.94 -22.15
N THR A 39 3.78 -1.80 -21.52
CA THR A 39 3.52 -0.55 -22.26
C THR A 39 4.76 0.12 -22.77
N GLY A 40 5.93 -0.34 -22.34
CA GLY A 40 7.21 0.17 -22.86
C GLY A 40 7.75 -0.56 -24.09
N SER A 41 7.02 -1.52 -24.63
CA SER A 41 7.40 -2.14 -25.90
C SER A 41 6.14 -2.50 -26.69
N SER A 42 6.33 -2.89 -27.95
CA SER A 42 5.22 -3.08 -28.86
C SER A 42 5.15 -4.43 -29.58
N ASN A 43 6.04 -5.36 -29.24
CA ASN A 43 6.06 -6.66 -29.90
C ASN A 43 5.57 -7.75 -28.96
N VAL A 44 4.97 -8.79 -29.51
CA VAL A 44 4.75 -10.01 -28.74
C VAL A 44 5.88 -11.00 -29.09
N TRP A 45 6.41 -11.66 -28.06
CA TRP A 45 7.32 -12.79 -28.25
C TRP A 45 7.18 -13.78 -27.11
N VAL A 46 7.57 -15.01 -27.39
CA VAL A 46 7.66 -16.04 -26.40
C VAL A 46 8.84 -16.90 -26.82
N PRO A 47 9.46 -17.66 -25.89
CA PRO A 47 10.57 -18.53 -26.25
C PRO A 47 10.19 -19.65 -27.22
N SER A 48 11.11 -20.06 -28.09
CA SER A 48 10.83 -21.02 -29.16
C SER A 48 11.46 -22.39 -28.93
N SER A 49 10.78 -23.41 -29.41
CA SER A 49 11.34 -24.75 -29.43
C SER A 49 12.64 -24.82 -30.27
N LYS A 50 12.79 -23.89 -31.23
CA LYS A 50 14.02 -23.79 -32.03
C LYS A 50 15.20 -23.11 -31.30
N CYS A 51 14.95 -22.60 -30.08
CA CYS A 51 15.99 -22.01 -29.25
C CYS A 51 16.93 -23.08 -28.76
N SER A 52 18.21 -22.98 -29.14
CA SER A 52 19.24 -23.90 -28.66
C SER A 52 19.20 -24.08 -27.15
N ARG A 53 19.29 -25.33 -26.72
CA ARG A 53 19.33 -25.61 -25.28
C ARG A 53 20.64 -25.23 -24.63
N LEU A 54 21.61 -24.72 -25.41
CA LEU A 54 22.80 -24.09 -24.86
C LEU A 54 22.44 -22.75 -24.25
N TYR A 55 21.26 -22.23 -24.62
CA TYR A 55 20.65 -21.12 -23.88
C TYR A 55 19.89 -21.70 -22.71
N THR A 56 20.52 -21.67 -21.54
CA THR A 56 19.89 -22.22 -20.35
C THR A 56 18.55 -21.57 -20.02
N ALA A 57 18.39 -20.28 -20.32
CA ALA A 57 17.10 -19.62 -20.13
C ALA A 57 15.98 -20.37 -20.87
N CYS A 58 16.31 -20.94 -22.01
CA CYS A 58 15.34 -21.75 -22.76
C CYS A 58 15.04 -23.11 -22.12
N VAL A 59 16.01 -23.69 -21.41
CA VAL A 59 15.76 -24.91 -20.63
C VAL A 59 14.79 -24.67 -19.48
N TYR A 60 14.70 -23.43 -18.98
CA TYR A 60 13.88 -23.10 -17.79
C TYR A 60 12.60 -22.33 -18.11
N HIS A 61 12.18 -22.31 -19.37
CA HIS A 61 10.91 -21.66 -19.72
C HIS A 61 10.02 -22.49 -20.66
N LYS A 62 8.76 -22.07 -20.79
CA LYS A 62 7.86 -22.74 -21.68
C LYS A 62 8.29 -22.33 -23.10
N LEU A 63 8.43 -23.32 -23.97
CA LEU A 63 8.83 -23.09 -25.36
C LEU A 63 7.67 -23.29 -26.33
N PHE A 64 7.37 -22.29 -27.15
CA PHE A 64 6.39 -22.46 -28.23
C PHE A 64 6.91 -23.43 -29.29
N ASP A 65 6.10 -24.43 -29.62
CA ASP A 65 6.45 -25.42 -30.64
C ASP A 65 5.42 -25.43 -31.75
N ALA A 66 5.84 -24.96 -32.92
CA ALA A 66 4.97 -24.67 -34.05
C ALA A 66 4.51 -25.95 -34.68
N SER A 67 5.37 -26.96 -34.64
CA SER A 67 5.00 -28.31 -35.05
C SER A 67 3.78 -28.92 -34.36
N ASP A 68 3.34 -28.34 -33.25
CA ASP A 68 2.18 -28.86 -32.57
C ASP A 68 0.95 -28.02 -32.81
N SER A 69 1.05 -26.96 -33.59
CA SER A 69 -0.06 -26.02 -33.74
C SER A 69 -0.69 -26.13 -35.12
N SER A 70 -1.95 -26.53 -35.19
CA SER A 70 -2.62 -26.60 -36.48
C SER A 70 -3.06 -25.21 -37.04
N SER A 71 -2.93 -24.16 -36.23
CA SER A 71 -3.29 -22.79 -36.64
C SER A 71 -2.06 -21.92 -37.01
N TYR A 72 -0.88 -22.48 -36.89
CA TYR A 72 0.39 -21.81 -37.17
C TYR A 72 0.48 -21.31 -38.59
N LYS A 73 1.03 -20.12 -38.75
CA LYS A 73 1.38 -19.60 -40.09
C LYS A 73 2.81 -19.08 -40.08
N HIS A 74 3.64 -19.70 -40.90
CA HIS A 74 5.05 -19.35 -41.02
C HIS A 74 5.24 -17.93 -41.58
N ASN A 75 6.23 -17.19 -41.08
CA ASN A 75 6.73 -16.00 -41.78
C ASN A 75 8.27 -16.05 -41.82
N GLY A 76 8.92 -16.00 -40.66
CA GLY A 76 10.34 -16.31 -40.56
C GLY A 76 11.31 -15.14 -40.58
N THR A 77 10.79 -13.94 -40.74
CA THR A 77 11.61 -12.73 -40.72
C THR A 77 12.33 -12.62 -39.37
N GLU A 78 13.63 -12.36 -39.44
CA GLU A 78 14.39 -12.16 -38.23
C GLU A 78 13.97 -10.89 -37.51
N LEU A 79 14.04 -10.91 -36.18
CA LEU A 79 13.93 -9.68 -35.40
C LEU A 79 14.65 -9.76 -34.07
N THR A 80 15.11 -8.61 -33.64
CA THR A 80 15.86 -8.47 -32.41
C THR A 80 15.18 -7.39 -31.62
N LEU A 81 14.88 -7.69 -30.36
CA LEU A 81 14.14 -6.81 -29.47
C LEU A 81 15.10 -6.34 -28.38
N ARG A 82 15.28 -5.03 -28.24
CA ARG A 82 16.24 -4.48 -27.28
C ARG A 82 15.52 -3.80 -26.12
N TYR A 83 15.77 -4.30 -24.91
CA TYR A 83 15.20 -3.70 -23.70
C TYR A 83 16.33 -3.12 -22.84
N SER A 84 15.98 -2.27 -21.90
CA SER A 84 16.95 -1.61 -21.04
C SER A 84 17.81 -2.57 -20.23
N THR A 85 17.28 -3.77 -19.94
CA THR A 85 17.99 -4.75 -19.12
C THR A 85 18.40 -6.01 -19.88
N GLY A 86 18.17 -6.04 -21.18
CA GLY A 86 18.60 -7.18 -21.99
C GLY A 86 18.00 -7.24 -23.38
N THR A 87 18.47 -8.20 -24.16
CA THR A 87 18.05 -8.36 -25.55
C THR A 87 17.60 -9.77 -25.85
N VAL A 88 16.57 -9.91 -26.69
CA VAL A 88 16.22 -11.23 -27.22
C VAL A 88 16.19 -11.13 -28.71
N SER A 89 16.30 -12.29 -29.35
CA SER A 89 16.38 -12.36 -30.77
C SER A 89 15.67 -13.63 -31.25
N GLY A 90 15.10 -13.56 -32.44
CA GLY A 90 14.47 -14.74 -33.04
C GLY A 90 13.88 -14.45 -34.40
N PHE A 91 12.66 -14.92 -34.64
CA PHE A 91 12.00 -14.67 -35.92
C PHE A 91 10.48 -14.63 -35.77
N LEU A 92 9.80 -13.95 -36.69
CA LEU A 92 8.35 -13.79 -36.61
C LEU A 92 7.55 -15.03 -37.05
N SER A 93 6.45 -15.31 -36.32
CA SER A 93 5.44 -16.30 -36.68
C SER A 93 4.04 -15.78 -36.36
N GLN A 94 3.03 -16.36 -37.01
CA GLN A 94 1.66 -15.99 -36.76
C GLN A 94 0.93 -17.15 -36.19
N ASP A 95 0.04 -16.90 -35.24
CA ASP A 95 -0.85 -17.95 -34.74
C ASP A 95 -1.99 -17.27 -33.98
N ILE A 96 -2.90 -18.07 -33.46
CA ILE A 96 -4.04 -17.57 -32.72
C ILE A 96 -3.63 -17.36 -31.25
N ILE A 97 -3.96 -16.21 -30.68
CA ILE A 97 -3.63 -15.95 -29.28
C ILE A 97 -4.88 -15.57 -28.52
N THR A 98 -5.07 -16.19 -27.36
CA THR A 98 -6.20 -15.92 -26.50
C THR A 98 -5.65 -15.10 -25.35
N VAL A 99 -6.35 -14.00 -25.03
CA VAL A 99 -6.02 -13.14 -23.91
C VAL A 99 -7.34 -12.83 -23.22
N GLY A 100 -7.55 -13.37 -22.03
CA GLY A 100 -8.83 -13.18 -21.32
C GLY A 100 -10.09 -13.41 -22.15
N GLY A 101 -10.15 -14.50 -22.91
CA GLY A 101 -11.35 -14.77 -23.72
C GLY A 101 -11.51 -14.00 -25.04
N ILE A 102 -10.63 -13.06 -25.31
CA ILE A 102 -10.51 -12.50 -26.65
C ILE A 102 -9.57 -13.43 -27.42
N THR A 103 -9.94 -13.79 -28.65
CA THR A 103 -9.11 -14.61 -29.52
C THR A 103 -8.72 -13.71 -30.67
N VAL A 104 -7.42 -13.56 -30.90
CA VAL A 104 -6.92 -12.67 -31.96
C VAL A 104 -5.81 -13.38 -32.70
N THR A 105 -5.80 -13.26 -34.03
CA THR A 105 -4.71 -13.76 -34.85
C THR A 105 -3.60 -12.72 -34.73
N GLN A 106 -2.38 -13.17 -34.43
CA GLN A 106 -1.32 -12.27 -34.00
C GLN A 106 0.06 -12.70 -34.51
N MET A 107 0.83 -11.75 -35.05
CA MET A 107 2.22 -12.00 -35.43
C MET A 107 3.02 -11.79 -34.21
N PHE A 108 3.83 -12.78 -33.86
CA PHE A 108 4.71 -12.68 -32.69
C PHE A 108 6.09 -13.19 -33.01
N GLY A 109 7.01 -12.97 -32.09
CA GLY A 109 8.38 -13.44 -32.24
C GLY A 109 8.60 -14.76 -31.52
N GLU A 110 9.12 -15.75 -32.24
CA GLU A 110 9.61 -16.95 -31.60
C GLU A 110 11.09 -16.70 -31.28
N VAL A 111 11.43 -16.56 -30.00
CA VAL A 111 12.79 -16.21 -29.64
C VAL A 111 13.68 -17.46 -29.57
N THR A 112 14.80 -17.40 -30.27
CA THR A 112 15.77 -18.48 -30.28
C THR A 112 17.09 -18.08 -29.66
N GLU A 113 17.20 -16.82 -29.22
CA GLU A 113 18.38 -16.38 -28.45
C GLU A 113 17.96 -15.60 -27.23
N MET A 114 18.15 -16.19 -26.06
CA MET A 114 17.57 -15.69 -24.83
C MET A 114 18.63 -15.77 -23.73
N PRO A 115 19.41 -14.69 -23.55
CA PRO A 115 20.56 -14.70 -22.63
C PRO A 115 20.26 -15.07 -21.16
N ALA A 116 21.13 -15.89 -20.60
CA ALA A 116 21.04 -16.35 -19.20
C ALA A 116 20.91 -15.21 -18.23
N LEU A 117 21.75 -14.19 -18.41
CA LEU A 117 21.54 -12.90 -17.79
C LEU A 117 20.86 -11.99 -18.80
N PRO A 118 19.67 -11.49 -18.47
CA PRO A 118 18.88 -11.68 -17.26
C PRO A 118 17.75 -12.71 -17.32
N PHE A 119 17.60 -13.45 -18.42
CA PHE A 119 16.35 -14.18 -18.58
C PHE A 119 16.16 -15.38 -17.68
N MET A 120 17.24 -15.90 -17.10
CA MET A 120 17.14 -16.87 -16.02
C MET A 120 16.57 -16.27 -14.73
N LEU A 121 16.60 -14.95 -14.60
CA LEU A 121 15.93 -14.32 -13.48
C LEU A 121 14.44 -14.00 -13.79
N ALA A 122 13.99 -14.25 -15.02
CA ALA A 122 12.57 -14.07 -15.37
C ALA A 122 11.68 -15.21 -14.88
N GLU A 123 10.69 -14.87 -14.06
CA GLU A 123 9.61 -15.81 -13.74
C GLU A 123 8.72 -15.96 -14.94
N PHE A 124 8.61 -14.91 -15.73
CA PHE A 124 7.81 -14.99 -16.93
C PHE A 124 8.57 -15.65 -18.09
N ASP A 125 7.81 -16.13 -19.08
CA ASP A 125 8.37 -16.70 -20.29
C ASP A 125 8.57 -15.65 -21.34
N GLY A 126 7.55 -14.85 -21.58
CA GLY A 126 7.57 -13.89 -22.70
C GLY A 126 7.00 -12.52 -22.40
N VAL A 127 6.74 -11.76 -23.45
CA VAL A 127 6.27 -10.40 -23.30
C VAL A 127 5.17 -10.14 -24.31
N VAL A 128 4.14 -9.40 -23.86
CA VAL A 128 3.08 -8.91 -24.73
C VAL A 128 3.20 -7.39 -24.71
N GLY A 129 3.81 -6.83 -25.75
CA GLY A 129 3.96 -5.40 -25.84
C GLY A 129 2.62 -4.71 -26.04
N MET A 130 2.39 -3.64 -25.30
CA MET A 130 1.12 -2.90 -25.36
C MET A 130 1.34 -1.48 -25.88
N GLY A 131 2.51 -1.24 -26.45
CA GLY A 131 2.86 0.04 -27.05
C GLY A 131 2.24 0.23 -28.43
N PHE A 132 2.65 1.30 -29.08
CA PHE A 132 2.10 1.71 -30.36
C PHE A 132 2.86 1.05 -31.51
N ILE A 133 2.19 0.93 -32.65
CA ILE A 133 2.81 0.37 -33.84
C ILE A 133 4.06 1.18 -34.23
N GLU A 134 4.02 2.50 -34.01
CA GLU A 134 5.16 3.37 -34.29
C GLU A 134 6.47 2.84 -33.73
N GLN A 135 6.42 2.18 -32.57
CA GLN A 135 7.62 1.60 -31.92
C GLN A 135 7.72 0.08 -32.12
N ALA A 136 6.97 -0.48 -33.07
CA ALA A 136 6.95 -1.91 -33.27
C ALA A 136 8.14 -2.28 -34.15
N ILE A 137 8.93 -3.24 -33.69
CA ILE A 137 10.07 -3.70 -34.45
C ILE A 137 9.53 -4.62 -35.51
N GLY A 138 9.99 -4.41 -36.75
CA GLY A 138 9.47 -5.12 -37.91
C GLY A 138 8.14 -4.58 -38.42
N ARG A 139 7.74 -3.40 -37.94
CA ARG A 139 6.44 -2.81 -38.27
C ARG A 139 5.28 -3.81 -38.14
N VAL A 140 5.37 -4.71 -37.14
CA VAL A 140 4.34 -5.71 -36.87
C VAL A 140 3.20 -5.03 -36.13
N THR A 141 1.97 -5.33 -36.51
CA THR A 141 0.82 -4.76 -35.82
C THR A 141 0.76 -5.31 -34.41
N PRO A 142 0.68 -4.43 -33.40
CA PRO A 142 0.59 -4.90 -32.04
C PRO A 142 -0.76 -5.49 -31.73
N ILE A 143 -0.76 -6.34 -30.70
CA ILE A 143 -1.93 -7.12 -30.30
C ILE A 143 -3.14 -6.23 -29.98
N PHE A 144 -2.93 -5.10 -29.31
CA PHE A 144 -4.05 -4.24 -28.97
C PHE A 144 -4.65 -3.63 -30.23
N ASP A 145 -3.82 -3.23 -31.18
CA ASP A 145 -4.40 -2.73 -32.43
C ASP A 145 -5.25 -3.82 -33.04
N ASN A 146 -4.76 -5.04 -33.05
CA ASN A 146 -5.52 -6.14 -33.66
C ASN A 146 -6.85 -6.39 -32.93
N ILE A 147 -6.83 -6.30 -31.60
CA ILE A 147 -8.07 -6.46 -30.81
C ILE A 147 -9.08 -5.33 -31.08
N ILE A 148 -8.62 -4.09 -31.17
CA ILE A 148 -9.49 -2.98 -31.57
C ILE A 148 -10.20 -3.25 -32.89
N SER A 149 -9.46 -3.77 -33.87
CA SER A 149 -10.02 -4.02 -35.20
C SER A 149 -11.28 -4.84 -35.12
N GLN A 150 -11.32 -5.76 -34.16
CA GLN A 150 -12.48 -6.65 -34.04
C GLN A 150 -13.78 -5.94 -33.65
N GLY A 151 -13.68 -4.70 -33.19
CA GLY A 151 -14.84 -3.90 -32.81
C GLY A 151 -15.67 -4.52 -31.71
N VAL A 152 -15.03 -4.97 -30.63
CA VAL A 152 -15.72 -5.61 -29.52
C VAL A 152 -15.49 -4.92 -28.17
N LEU A 153 -14.39 -4.19 -28.03
CA LEU A 153 -14.09 -3.48 -26.79
C LEU A 153 -15.03 -2.28 -26.60
N LYS A 154 -15.61 -2.14 -25.41
CA LYS A 154 -16.50 -0.99 -25.10
C LYS A 154 -15.80 0.36 -25.30
N GLU A 155 -14.56 0.44 -24.85
CA GLU A 155 -13.70 1.61 -25.04
C GLU A 155 -12.32 1.19 -25.58
N ASP A 156 -11.64 2.11 -26.27
CA ASP A 156 -10.33 1.83 -26.84
CA ASP A 156 -10.33 1.87 -26.87
C ASP A 156 -9.25 2.17 -25.82
N VAL A 157 -9.27 1.41 -24.72
CA VAL A 157 -8.38 1.63 -23.58
C VAL A 157 -8.10 0.33 -22.83
N PHE A 158 -6.98 0.33 -22.11
CA PHE A 158 -6.70 -0.75 -21.16
C PHE A 158 -6.14 -0.16 -19.88
N SER A 159 -6.18 -0.95 -18.82
CA SER A 159 -5.89 -0.49 -17.47
C SER A 159 -5.08 -1.50 -16.65
N PHE A 160 -4.29 -0.99 -15.72
CA PHE A 160 -3.40 -1.82 -14.90
C PHE A 160 -3.65 -1.60 -13.43
N TYR A 161 -3.88 -2.70 -12.72
CA TYR A 161 -3.81 -2.73 -11.29
C TYR A 161 -2.62 -3.59 -10.89
N TYR A 162 -1.68 -3.02 -10.14
CA TYR A 162 -0.57 -3.82 -9.58
C TYR A 162 -0.66 -3.80 -8.08
N ASN A 163 -1.03 -4.94 -7.50
CA ASN A 163 -1.13 -5.07 -6.05
C ASN A 163 0.24 -5.01 -5.41
N ARG A 164 0.22 -4.75 -4.11
CA ARG A 164 1.33 -5.09 -3.24
C ARG A 164 1.50 -6.58 -3.20
N ASP A 165 2.70 -7.01 -2.85
CA ASP A 165 3.02 -8.42 -2.76
C ASP A 165 2.29 -8.99 -1.57
N SER A 166 1.97 -10.27 -1.65
CA SER A 166 1.36 -10.92 -0.51
C SER A 166 2.10 -12.21 -0.15
N GLU A 167 2.01 -12.58 1.11
CA GLU A 167 2.35 -13.92 1.54
C GLU A 167 1.10 -14.82 1.40
N ASN A 168 -0.07 -14.21 1.21
CA ASN A 168 -1.31 -14.96 0.97
C ASN A 168 -1.42 -15.46 -0.47
N SER A 169 -2.01 -16.65 -0.60
CA SER A 169 -2.31 -17.23 -1.89
C SER A 169 -3.42 -16.43 -2.57
N GLN A 170 -4.40 -16.02 -1.76
CA GLN A 170 -5.69 -15.49 -2.26
C GLN A 170 -5.70 -13.97 -2.41
N SER A 171 -4.51 -13.40 -2.48
CA SER A 171 -4.35 -12.00 -2.84
C SER A 171 -4.05 -11.99 -4.33
N LEU A 172 -4.79 -11.20 -5.11
CA LEU A 172 -4.52 -11.13 -6.54
C LEU A 172 -3.33 -10.19 -6.80
N GLY A 173 -2.36 -10.69 -7.56
CA GLY A 173 -1.12 -9.94 -7.79
C GLY A 173 -1.33 -8.69 -8.61
N GLY A 174 -2.22 -8.80 -9.59
CA GLY A 174 -2.61 -7.66 -10.36
C GLY A 174 -3.72 -7.99 -11.31
N GLN A 175 -4.08 -7.02 -12.13
CA GLN A 175 -5.16 -7.17 -13.08
C GLN A 175 -4.98 -6.19 -14.24
N ILE A 176 -5.14 -6.70 -15.46
CA ILE A 176 -5.23 -5.85 -16.62
C ILE A 176 -6.66 -5.98 -17.16
N VAL A 177 -7.31 -4.83 -17.37
CA VAL A 177 -8.62 -4.82 -17.98
C VAL A 177 -8.49 -4.33 -19.42
N LEU A 178 -8.90 -5.18 -20.35
CA LEU A 178 -8.96 -4.81 -21.76
C LEU A 178 -10.31 -4.21 -22.05
N GLY A 179 -10.31 -2.95 -22.47
CA GLY A 179 -11.51 -2.21 -22.86
C GLY A 179 -12.15 -1.32 -21.80
N GLY A 180 -11.41 -0.99 -20.74
CA GLY A 180 -11.95 -0.19 -19.63
C GLY A 180 -11.16 -0.29 -18.34
N SER A 181 -11.82 -0.01 -17.22
CA SER A 181 -11.16 0.04 -15.92
C SER A 181 -12.02 -0.66 -14.90
N ASP A 182 -11.39 -1.23 -13.86
CA ASP A 182 -12.14 -1.86 -12.77
C ASP A 182 -12.26 -0.89 -11.60
N PRO A 183 -13.46 -0.32 -11.40
CA PRO A 183 -13.62 0.65 -10.31
C PRO A 183 -13.45 0.01 -8.94
N GLN A 184 -13.48 -1.31 -8.89
CA GLN A 184 -13.23 -2.03 -7.64
C GLN A 184 -11.76 -1.90 -7.19
N HIS A 185 -10.84 -1.49 -8.08
CA HIS A 185 -9.42 -1.32 -7.70
C HIS A 185 -8.85 0.10 -7.77
N TYR A 186 -9.72 1.10 -7.83
CA TYR A 186 -9.32 2.49 -7.64
C TYR A 186 -10.40 3.30 -6.94
N GLU A 187 -10.03 4.49 -6.50
CA GLU A 187 -10.98 5.41 -5.86
C GLU A 187 -10.68 6.86 -6.24
N GLY A 188 -11.61 7.75 -5.88
CA GLY A 188 -11.55 9.13 -6.34
C GLY A 188 -11.74 9.14 -7.84
N ASN A 189 -11.38 10.25 -8.46
CA ASN A 189 -11.47 10.33 -9.92
C ASN A 189 -10.13 10.11 -10.60
N PHE A 190 -10.20 9.62 -11.85
CA PHE A 190 -9.06 9.63 -12.73
C PHE A 190 -8.68 11.07 -12.96
N HIS A 191 -7.38 11.30 -13.10
CA HIS A 191 -6.85 12.58 -13.53
C HIS A 191 -5.93 12.26 -14.69
N TYR A 192 -6.11 12.98 -15.79
CA TYR A 192 -5.52 12.62 -17.06
C TYR A 192 -4.40 13.55 -17.49
N ILE A 193 -3.40 12.99 -18.16
CA ILE A 193 -2.40 13.81 -18.85
C ILE A 193 -2.35 13.34 -20.30
N ASN A 194 -2.25 14.30 -21.23
CA ASN A 194 -2.13 13.98 -22.65
C ASN A 194 -0.70 13.55 -22.96
N LEU A 195 -0.57 12.62 -23.92
CA LEU A 195 0.74 12.15 -24.38
C LEU A 195 1.39 13.30 -25.09
N ILE A 196 2.71 13.42 -24.97
CA ILE A 196 3.44 14.35 -25.80
C ILE A 196 3.03 14.09 -27.24
N LYS A 197 3.25 12.85 -27.68
CA LYS A 197 2.84 12.41 -29.02
C LYS A 197 2.21 11.04 -28.93
N THR A 198 1.20 10.79 -29.78
CA THR A 198 0.79 9.42 -30.10
C THR A 198 2.05 8.63 -30.55
N GLY A 199 2.15 7.37 -30.16
CA GLY A 199 3.28 6.51 -30.54
C GLY A 199 4.09 5.99 -29.37
N VAL A 200 3.98 6.68 -28.22
CA VAL A 200 4.69 6.30 -27.00
C VAL A 200 3.84 6.62 -25.77
N TRP A 201 3.91 5.78 -24.75
CA TRP A 201 3.14 6.01 -23.54
C TRP A 201 3.97 6.89 -22.63
N GLN A 202 4.19 8.13 -23.09
CA GLN A 202 5.11 9.08 -22.48
C GLN A 202 4.45 10.45 -22.39
N ILE A 203 4.60 11.09 -21.23
CA ILE A 203 3.93 12.35 -20.91
C ILE A 203 4.93 13.40 -20.39
N GLN A 204 4.52 14.66 -20.44
CA GLN A 204 5.27 15.72 -19.78
C GLN A 204 5.15 15.58 -18.25
N MET A 205 6.28 15.75 -17.57
CA MET A 205 6.37 15.83 -16.12
C MET A 205 6.95 17.21 -15.76
N LYS A 206 6.25 17.93 -14.89
CA LYS A 206 6.57 19.33 -14.61
C LYS A 206 7.58 19.49 -13.48
N GLY A 207 7.74 18.46 -12.64
CA GLY A 207 8.71 18.51 -11.55
C GLY A 207 8.73 17.28 -10.69
N VAL A 208 9.87 17.02 -10.05
CA VAL A 208 10.02 15.94 -9.10
C VAL A 208 10.53 16.57 -7.83
N SER A 209 9.90 16.32 -6.69
CA SER A 209 10.40 16.87 -5.40
C SER A 209 10.71 15.78 -4.38
N VAL A 210 11.72 16.01 -3.56
CA VAL A 210 12.10 15.08 -2.51
C VAL A 210 12.02 15.82 -1.18
N GLY A 211 10.95 15.58 -0.42
CA GLY A 211 10.68 16.34 0.79
C GLY A 211 10.05 17.70 0.48
N SER A 212 10.63 18.76 1.07
CA SER A 212 10.09 20.13 0.95
C SER A 212 10.88 20.98 -0.08
N SER A 213 11.12 20.39 -1.25
CA SER A 213 11.97 21.01 -2.27
C SER A 213 11.86 20.35 -3.65
N THR A 214 11.43 21.14 -4.65
CA THR A 214 11.55 20.74 -6.06
C THR A 214 13.02 20.89 -6.46
N LEU A 215 13.82 19.86 -6.19
CA LEU A 215 15.24 19.90 -6.53
C LEU A 215 15.56 19.23 -7.88
N LEU A 216 14.61 18.48 -8.43
CA LEU A 216 14.78 17.78 -9.73
C LEU A 216 13.72 18.15 -10.76
N CYS A 217 14.04 17.92 -12.05
CA CYS A 217 13.11 18.21 -13.15
C CYS A 217 12.55 19.63 -13.00
N GLU A 218 13.42 20.57 -12.64
CA GLU A 218 12.98 21.91 -12.29
C GLU A 218 12.38 22.66 -13.49
N ASP A 219 12.85 22.34 -14.70
CA ASP A 219 12.33 22.97 -15.92
C ASP A 219 11.53 21.99 -16.80
N GLY A 220 10.93 20.97 -16.19
CA GLY A 220 10.15 19.99 -16.93
C GLY A 220 11.01 18.90 -17.51
N CYS A 221 10.43 17.72 -17.69
CA CYS A 221 11.15 16.54 -18.20
C CYS A 221 10.13 15.51 -18.68
N LEU A 222 10.59 14.31 -19.04
CA LEU A 222 9.75 13.31 -19.66
C LEU A 222 9.51 12.16 -18.68
N ALA A 223 8.28 11.63 -18.68
CA ALA A 223 7.91 10.44 -17.90
C ALA A 223 7.34 9.35 -18.81
N LEU A 224 8.09 8.27 -18.98
CA LEU A 224 7.58 7.07 -19.66
C LEU A 224 6.78 6.27 -18.63
N VAL A 225 5.56 5.87 -18.97
CA VAL A 225 4.71 5.12 -18.06
C VAL A 225 4.74 3.67 -18.49
N ASP A 226 5.55 2.89 -17.77
CA ASP A 226 6.05 1.61 -18.27
C ASP A 226 5.66 0.46 -17.37
N THR A 227 4.54 -0.18 -17.69
CA THR A 227 4.08 -1.34 -16.95
C THR A 227 5.05 -2.53 -16.95
N GLY A 228 6.03 -2.50 -17.85
CA GLY A 228 7.03 -3.56 -17.98
C GLY A 228 8.37 -3.30 -17.28
N ALA A 229 8.48 -2.15 -16.60
CA ALA A 229 9.65 -1.84 -15.77
C ALA A 229 9.34 -2.10 -14.29
N SER A 230 10.26 -2.71 -13.58
CA SER A 230 10.07 -2.96 -12.15
C SER A 230 9.97 -1.67 -11.37
N TYR A 231 10.81 -0.71 -11.68
CA TYR A 231 11.06 0.43 -10.81
C TYR A 231 10.59 1.76 -11.41
N ILE A 232 10.73 2.81 -10.61
CA ILE A 232 10.77 4.17 -11.13
C ILE A 232 12.24 4.44 -11.44
N SER A 233 12.56 4.81 -12.66
CA SER A 233 13.92 5.19 -13.00
C SER A 233 14.01 6.62 -13.53
N GLY A 234 15.22 7.16 -13.42
CA GLY A 234 15.58 8.41 -14.07
C GLY A 234 17.00 8.31 -14.56
N SER A 235 17.45 9.33 -15.28
CA SER A 235 18.82 9.44 -15.79
C SER A 235 19.84 9.28 -14.67
N THR A 236 21.00 8.74 -15.01
CA THR A 236 22.07 8.56 -14.02
C THR A 236 22.25 9.84 -13.21
N SER A 237 22.38 10.99 -13.87
CA SER A 237 22.64 12.25 -13.13
C SER A 237 21.42 12.71 -12.32
N SER A 238 20.21 12.58 -12.87
CA SER A 238 19.01 12.83 -12.06
C SER A 238 19.02 11.96 -10.78
N ILE A 239 19.38 10.69 -10.92
CA ILE A 239 19.29 9.78 -9.79
C ILE A 239 20.39 10.04 -8.74
N GLU A 240 21.63 10.24 -9.19
CA GLU A 240 22.72 10.67 -8.29
C GLU A 240 22.25 11.76 -7.32
N LYS A 241 21.56 12.75 -7.88
CA LYS A 241 21.06 13.88 -7.10
C LYS A 241 19.99 13.44 -6.11
N LEU A 242 19.06 12.63 -6.59
CA LEU A 242 17.98 12.16 -5.75
C LEU A 242 18.58 11.34 -4.63
N MET A 243 19.49 10.44 -4.97
CA MET A 243 20.05 9.54 -3.98
C MET A 243 20.99 10.21 -2.97
N GLU A 244 21.66 11.29 -3.38
CA GLU A 244 22.45 12.10 -2.46
C GLU A 244 21.53 12.66 -1.40
N ALA A 245 20.38 13.19 -1.83
CA ALA A 245 19.40 13.78 -0.91
C ALA A 245 18.74 12.77 0.05
N LEU A 246 18.57 11.52 -0.39
CA LEU A 246 18.06 10.47 0.49
C LEU A 246 19.15 9.88 1.41
N GLY A 247 20.41 10.18 1.11
CA GLY A 247 21.54 9.60 1.83
C GLY A 247 21.74 8.14 1.47
N ALA A 248 21.33 7.77 0.26
CA ALA A 248 21.47 6.41 -0.25
C ALA A 248 22.88 6.18 -0.82
N LYS A 249 23.35 4.94 -0.79
CA LYS A 249 24.64 4.59 -1.36
C LYS A 249 24.42 3.77 -2.63
N LYS A 250 25.26 4.00 -3.65
CA LYS A 250 25.14 3.30 -4.94
C LYS A 250 25.91 2.00 -4.90
N ARG A 251 25.28 0.91 -5.33
CA ARG A 251 25.94 -0.36 -5.59
C ARG A 251 25.99 -0.56 -7.11
N LEU A 252 26.18 -1.79 -7.59
CA LEU A 252 26.31 -2.03 -9.03
C LEU A 252 25.00 -1.80 -9.79
N PHE A 253 23.92 -2.40 -9.29
CA PHE A 253 22.63 -2.39 -9.96
C PHE A 253 21.58 -1.57 -9.25
N ASP A 254 21.80 -1.25 -7.98
CA ASP A 254 20.79 -0.55 -7.21
C ASP A 254 21.38 0.50 -6.25
N TYR A 255 20.50 1.17 -5.52
CA TYR A 255 20.90 1.98 -4.41
C TYR A 255 20.35 1.37 -3.15
N VAL A 256 21.04 1.61 -2.04
CA VAL A 256 20.58 1.15 -0.74
C VAL A 256 20.73 2.23 0.31
N VAL A 257 20.00 2.06 1.39
CA VAL A 257 20.16 2.82 2.61
C VAL A 257 20.33 1.79 3.70
N LYS A 258 20.75 2.22 4.88
CA LYS A 258 20.73 1.34 6.06
C LYS A 258 19.26 1.10 6.43
N CYS A 259 18.91 -0.14 6.76
CA CYS A 259 17.47 -0.48 6.90
C CYS A 259 16.75 0.35 7.96
N ASN A 260 17.42 0.58 9.09
CA ASN A 260 16.88 1.43 10.15
C ASN A 260 16.46 2.80 9.65
N GLU A 261 17.13 3.31 8.63
CA GLU A 261 16.87 4.65 8.14
C GLU A 261 15.65 4.71 7.21
N GLY A 262 15.24 3.57 6.69
CA GLY A 262 14.18 3.50 5.68
C GLY A 262 12.88 4.21 6.05
N PRO A 263 12.27 3.87 7.19
CA PRO A 263 10.95 4.35 7.51
C PRO A 263 10.87 5.87 7.59
N THR A 264 11.96 6.52 7.97
CA THR A 264 12.01 8.00 8.11
C THR A 264 12.54 8.74 6.88
N LEU A 265 12.76 8.04 5.78
CA LEU A 265 13.12 8.72 4.52
C LEU A 265 11.95 9.58 4.03
N PRO A 266 12.23 10.69 3.35
CA PRO A 266 11.16 11.60 2.99
C PRO A 266 10.32 11.14 1.80
N ASP A 267 9.23 11.85 1.58
CA ASP A 267 8.35 11.63 0.45
C ASP A 267 9.01 12.06 -0.85
N ILE A 268 8.59 11.42 -1.93
CA ILE A 268 8.99 11.82 -3.26
C ILE A 268 7.70 12.08 -4.03
N SER A 269 7.61 13.26 -4.65
CA SER A 269 6.43 13.64 -5.43
C SER A 269 6.77 13.81 -6.91
N PHE A 270 5.79 13.51 -7.76
CA PHE A 270 5.97 13.56 -9.19
C PHE A 270 4.83 14.42 -9.70
N HIS A 271 5.16 15.57 -10.29
CA HIS A 271 4.18 16.57 -10.69
C HIS A 271 3.70 16.25 -12.12
N LEU A 272 2.48 15.71 -12.22
CA LEU A 272 1.93 15.28 -13.51
C LEU A 272 0.55 15.89 -13.81
N GLY A 273 0.47 16.59 -14.94
CA GLY A 273 -0.78 17.21 -15.38
C GLY A 273 -1.55 17.98 -14.33
N GLY A 274 -0.86 18.72 -13.47
CA GLY A 274 -1.55 19.50 -12.45
C GLY A 274 -1.92 18.82 -11.14
N LYS A 275 -1.47 17.57 -10.92
CA LYS A 275 -1.62 16.90 -9.61
C LYS A 275 -0.26 16.43 -9.14
N GLU A 276 0.03 16.52 -7.85
CA GLU A 276 1.27 15.96 -7.29
C GLU A 276 1.02 14.49 -6.93
N TYR A 277 1.79 13.57 -7.50
CA TYR A 277 1.66 12.14 -7.22
C TYR A 277 2.74 11.72 -6.22
N THR A 278 2.32 11.36 -5.02
CA THR A 278 3.24 11.28 -3.87
C THR A 278 3.44 9.87 -3.32
N LEU A 279 4.68 9.40 -3.34
CA LEU A 279 5.07 8.14 -2.71
C LEU A 279 5.75 8.38 -1.36
N THR A 280 5.37 7.61 -0.35
CA THR A 280 6.10 7.61 0.92
C THR A 280 7.21 6.56 0.89
N SER A 281 8.08 6.57 1.90
CA SER A 281 9.16 5.59 2.02
C SER A 281 8.68 4.14 1.89
N ALA A 282 7.60 3.84 2.57
CA ALA A 282 7.02 2.51 2.53
C ALA A 282 6.67 2.10 1.12
N ASP A 283 6.38 3.08 0.26
CA ASP A 283 6.10 2.82 -1.15
C ASP A 283 7.34 2.56 -1.99
N TYR A 284 8.51 3.06 -1.59
CA TYR A 284 9.70 2.90 -2.45
C TYR A 284 10.90 2.20 -1.83
N VAL A 285 10.76 1.74 -0.58
CA VAL A 285 11.84 1.02 0.09
C VAL A 285 11.41 -0.40 0.30
N PHE A 286 12.27 -1.35 -0.06
CA PHE A 286 12.04 -2.77 0.32
C PHE A 286 12.46 -2.94 1.78
N GLN A 287 11.55 -2.60 2.67
CA GLN A 287 11.77 -2.67 4.10
C GLN A 287 11.81 -4.16 4.51
N GLU A 288 12.99 -4.76 4.40
CA GLU A 288 13.17 -6.19 4.67
C GLU A 288 13.59 -6.42 6.11
N SER A 289 13.88 -5.35 6.85
CA SER A 289 14.40 -5.45 8.20
C SER A 289 14.49 -4.02 8.74
N TYR A 290 14.68 -3.88 10.04
CA TYR A 290 14.85 -2.55 10.64
C TYR A 290 16.25 -2.36 11.17
N SER A 291 17.12 -3.32 10.89
CA SER A 291 18.46 -3.33 11.47
C SER A 291 19.42 -2.37 10.77
N SER A 292 20.22 -1.69 11.58
CA SER A 292 21.28 -0.80 11.06
C SER A 292 22.47 -1.57 10.49
N LYS A 293 22.57 -2.86 10.80
CA LYS A 293 23.61 -3.72 10.25
C LYS A 293 23.12 -4.45 8.97
N LYS A 294 22.21 -3.81 8.23
CA LYS A 294 21.67 -4.42 7.02
C LYS A 294 21.35 -3.37 6.00
N LEU A 295 21.22 -3.82 4.76
CA LEU A 295 21.02 -2.94 3.63
C LEU A 295 19.68 -3.22 2.98
N CYS A 296 19.00 -2.13 2.60
CA CYS A 296 17.66 -2.20 2.09
C CYS A 296 17.62 -1.53 0.69
N THR A 297 17.15 -2.25 -0.31
CA THR A 297 17.07 -1.71 -1.68
C THR A 297 15.96 -0.69 -1.85
N LEU A 298 16.18 0.32 -2.67
CA LEU A 298 15.12 1.25 -3.02
C LEU A 298 14.57 0.88 -4.38
N ALA A 299 13.26 0.99 -4.53
CA ALA A 299 12.61 0.69 -5.79
C ALA A 299 12.64 1.90 -6.74
N ILE A 300 13.76 2.64 -6.72
CA ILE A 300 14.06 3.70 -7.67
C ILE A 300 15.48 3.46 -8.21
N HIS A 301 15.62 3.32 -9.53
CA HIS A 301 16.91 2.98 -10.16
C HIS A 301 17.36 4.04 -11.16
N ALA A 302 18.59 3.89 -11.61
CA ALA A 302 19.16 4.68 -12.68
C ALA A 302 18.99 3.92 -13.98
N MET A 303 18.56 4.58 -15.04
CA MET A 303 18.54 3.95 -16.36
C MET A 303 18.55 5.02 -17.41
N ASP A 304 19.58 5.02 -18.24
CA ASP A 304 19.63 6.00 -19.30
C ASP A 304 19.00 5.42 -20.52
N ILE A 305 17.74 5.80 -20.73
CA ILE A 305 16.99 5.43 -21.92
C ILE A 305 17.47 6.34 -23.04
N PRO A 306 17.88 5.77 -24.17
CA PRO A 306 18.50 6.62 -25.17
C PRO A 306 17.47 7.27 -26.10
N PRO A 307 17.91 8.28 -26.90
CA PRO A 307 17.04 8.78 -27.95
C PRO A 307 16.57 7.65 -28.86
N PRO A 308 15.37 7.78 -29.45
CA PRO A 308 14.52 8.98 -29.40
C PRO A 308 13.55 9.05 -28.19
N THR A 309 13.12 7.90 -27.65
CA THR A 309 12.24 7.90 -26.47
C THR A 309 12.84 8.71 -25.31
N GLY A 310 14.14 8.59 -25.11
CA GLY A 310 14.82 9.24 -24.00
C GLY A 310 15.66 10.42 -24.43
N PRO A 311 16.36 11.07 -23.47
CA PRO A 311 16.36 10.80 -22.03
C PRO A 311 15.00 11.02 -21.35
N THR A 312 14.63 10.11 -20.44
CA THR A 312 13.33 10.18 -19.78
C THR A 312 13.33 9.45 -18.45
N TRP A 313 12.47 9.88 -17.55
CA TRP A 313 12.15 9.09 -16.38
C TRP A 313 11.24 7.92 -16.80
N ALA A 314 11.26 6.82 -16.07
CA ALA A 314 10.26 5.77 -16.30
C ALA A 314 9.50 5.52 -14.99
N LEU A 315 8.19 5.38 -15.11
CA LEU A 315 7.34 5.16 -13.96
C LEU A 315 6.79 3.75 -14.05
N GLY A 316 7.48 2.80 -13.44
CA GLY A 316 7.08 1.40 -13.48
C GLY A 316 6.23 1.00 -12.30
N ALA A 317 6.38 -0.28 -11.92
CA ALA A 317 5.58 -0.90 -10.85
C ALA A 317 5.58 -0.14 -9.52
N THR A 318 6.73 0.43 -9.15
CA THR A 318 6.80 1.18 -7.92
C THR A 318 5.71 2.25 -7.93
N PHE A 319 5.52 2.90 -9.08
CA PHE A 319 4.50 3.96 -9.20
C PHE A 319 3.07 3.43 -9.38
N ILE A 320 2.91 2.41 -10.19
CA ILE A 320 1.61 1.86 -10.51
C ILE A 320 0.92 1.12 -9.34
N ARG A 321 1.68 0.67 -8.35
CA ARG A 321 1.11 0.03 -7.17
C ARG A 321 0.29 1.05 -6.42
N LYS A 322 0.80 2.27 -6.40
CA LYS A 322 0.09 3.38 -5.76
C LYS A 322 -1.05 3.87 -6.64
N PHE A 323 -0.84 3.91 -7.95
CA PHE A 323 -1.80 4.58 -8.83
C PHE A 323 -2.32 3.74 -9.97
N TYR A 324 -3.58 3.35 -9.85
CA TYR A 324 -4.30 2.65 -10.90
C TYR A 324 -4.12 3.48 -12.15
N THR A 325 -3.73 2.84 -13.26
CA THR A 325 -3.39 3.53 -14.50
C THR A 325 -4.27 3.06 -15.65
N GLU A 326 -4.84 4.01 -16.39
CA GLU A 326 -5.64 3.70 -17.57
C GLU A 326 -4.90 4.27 -18.76
N PHE A 327 -4.77 3.46 -19.81
CA PHE A 327 -4.14 3.86 -21.07
C PHE A 327 -5.22 4.08 -22.10
N ASP A 328 -5.39 5.33 -22.54
CA ASP A 328 -6.49 5.71 -23.42
C ASP A 328 -5.95 5.97 -24.83
N ARG A 329 -6.26 5.09 -25.77
CA ARG A 329 -5.75 5.20 -27.14
C ARG A 329 -6.64 6.09 -28.00
N ARG A 330 -7.94 6.07 -27.71
CA ARG A 330 -8.90 6.86 -28.46
C ARG A 330 -8.56 8.33 -28.28
N ASN A 331 -8.28 8.74 -27.05
CA ASN A 331 -7.98 10.15 -26.77
C ASN A 331 -6.51 10.47 -26.53
N ASN A 332 -5.63 9.49 -26.80
CA ASN A 332 -4.19 9.58 -26.52
C ASN A 332 -3.81 10.22 -25.18
N ARG A 333 -4.09 9.50 -24.11
CA ARG A 333 -3.77 10.00 -22.79
C ARG A 333 -3.68 8.88 -21.80
N ILE A 334 -3.02 9.19 -20.68
CA ILE A 334 -2.90 8.31 -19.54
C ILE A 334 -3.69 8.94 -18.40
N GLY A 335 -4.39 8.10 -17.65
CA GLY A 335 -5.12 8.56 -16.47
C GLY A 335 -4.61 7.83 -15.24
N PHE A 336 -4.60 8.53 -14.11
CA PHE A 336 -4.21 7.97 -12.85
C PHE A 336 -5.31 8.14 -11.83
N ALA A 337 -5.42 7.17 -10.94
CA ALA A 337 -6.31 7.26 -9.79
C ALA A 337 -5.72 6.46 -8.65
N LEU A 338 -6.01 6.85 -7.42
CA LEU A 338 -5.52 6.12 -6.24
C LEU A 338 -5.96 4.66 -6.31
N ALA A 339 -5.01 3.75 -6.27
CA ALA A 339 -5.32 2.34 -6.25
C ALA A 339 -5.88 1.91 -4.88
N ARG A 340 -6.69 0.86 -4.91
CA ARG A 340 -7.17 0.22 -3.69
C ARG A 340 -7.31 -1.30 -3.81
N GLY B 4 -25.70 7.18 0.69
CA GLY B 4 -25.01 7.04 -0.63
C GLY B 4 -24.60 5.61 -0.97
N ASN B 5 -23.69 5.45 -1.92
CA ASN B 5 -23.25 4.11 -2.35
C ASN B 5 -21.71 4.00 -2.49
N THR B 6 -20.95 4.90 -1.86
CA THR B 6 -19.48 4.79 -1.88
C THR B 6 -18.84 4.33 -0.56
N THR B 7 -17.67 3.73 -0.71
CA THR B 7 -16.74 3.50 0.39
C THR B 7 -15.42 4.16 0.01
N SER B 8 -14.52 4.31 0.98
CA SER B 8 -13.21 4.87 0.74
C SER B 8 -12.18 4.23 1.67
N SER B 9 -11.07 3.76 1.09
CA SER B 9 -10.08 3.00 1.85
C SER B 9 -8.75 3.71 1.86
N VAL B 10 -8.02 3.59 2.97
CA VAL B 10 -6.66 4.11 3.04
C VAL B 10 -5.71 2.99 3.43
N ILE B 11 -4.70 2.74 2.61
CA ILE B 11 -3.72 1.71 2.89
C ILE B 11 -2.72 2.20 3.95
N LEU B 12 -2.37 1.30 4.87
CA LEU B 12 -1.61 1.63 6.09
C LEU B 12 -0.28 0.93 6.11
N THR B 13 0.73 1.66 6.61
CA THR B 13 2.03 1.11 6.83
C THR B 13 2.09 0.53 8.23
N ASN B 14 2.73 -0.64 8.36
CA ASN B 14 2.98 -1.29 9.66
C ASN B 14 4.44 -1.11 10.02
N TYR B 15 4.66 -0.40 11.10
CA TYR B 15 5.97 -0.29 11.66
C TYR B 15 6.09 -1.19 12.88
N MET B 16 6.84 -2.28 12.74
CA MET B 16 7.23 -3.18 13.86
C MET B 16 6.03 -3.70 14.69
N ASP B 17 4.87 -3.80 14.06
CA ASP B 17 3.65 -4.17 14.78
C ASP B 17 3.25 -3.26 15.93
N THR B 18 3.86 -2.07 16.05
CA THR B 18 3.51 -1.13 17.15
C THR B 18 2.97 0.22 16.70
N GLN B 19 3.01 0.51 15.41
CA GLN B 19 2.52 1.77 14.87
C GLN B 19 1.93 1.49 13.51
N TYR B 20 0.68 1.91 13.31
CA TYR B 20 -0.03 1.76 12.05
C TYR B 20 -0.50 3.13 11.59
N TYR B 21 -0.18 3.51 10.36
CA TYR B 21 -0.53 4.84 9.88
C TYR B 21 -0.61 4.89 8.36
N GLY B 22 -1.36 5.86 7.84
CA GLY B 22 -1.45 6.08 6.42
C GLY B 22 -1.58 7.54 6.03
N GLU B 23 -1.82 7.75 4.74
CA GLU B 23 -1.77 9.05 4.06
CA GLU B 23 -1.78 9.09 4.13
C GLU B 23 -3.11 9.81 4.12
N ILE B 24 -3.09 11.07 4.53
CA ILE B 24 -4.19 12.01 4.28
C ILE B 24 -3.57 13.21 3.58
N GLY B 25 -4.41 13.96 2.87
CA GLY B 25 -3.98 15.22 2.28
C GLY B 25 -4.70 16.37 2.95
N ILE B 26 -4.03 17.51 3.09
CA ILE B 26 -4.62 18.72 3.67
C ILE B 26 -4.25 19.96 2.84
N GLY B 27 -5.26 20.68 2.36
CA GLY B 27 -5.06 21.93 1.63
C GLY B 27 -5.24 21.82 0.13
N THR B 28 -5.37 22.96 -0.54
CA THR B 28 -5.45 23.01 -1.99
C THR B 28 -4.22 23.76 -2.48
N PRO B 29 -3.20 23.05 -3.00
CA PRO B 29 -3.16 21.61 -3.27
C PRO B 29 -2.77 20.83 -2.00
N PRO B 30 -3.01 19.51 -2.00
CA PRO B 30 -2.77 18.69 -0.81
C PRO B 30 -1.31 18.70 -0.34
N GLN B 31 -1.13 18.80 0.98
CA GLN B 31 0.12 18.48 1.64
C GLN B 31 -0.13 17.18 2.38
N THR B 32 0.75 16.20 2.16
CA THR B 32 0.47 14.83 2.52
C THR B 32 1.24 14.41 3.77
N PHE B 33 0.50 13.96 4.78
CA PHE B 33 1.04 13.57 6.07
C PHE B 33 0.69 12.13 6.37
N LYS B 34 1.58 11.46 7.09
CA LYS B 34 1.31 10.14 7.65
C LYS B 34 0.51 10.30 8.94
N VAL B 35 -0.64 9.64 9.05
CA VAL B 35 -1.44 9.73 10.30
C VAL B 35 -1.88 8.39 10.85
N VAL B 36 -2.05 8.31 12.17
CA VAL B 36 -2.67 7.18 12.81
C VAL B 36 -4.17 7.43 12.94
N PHE B 37 -4.95 6.42 12.58
CA PHE B 37 -6.38 6.49 12.62
C PHE B 37 -6.82 5.88 13.95
N ASP B 38 -7.28 6.75 14.84
CA ASP B 38 -7.32 6.52 16.26
C ASP B 38 -8.75 6.57 16.83
N THR B 39 -9.33 5.41 17.08
CA THR B 39 -10.65 5.32 17.65
C THR B 39 -10.64 5.68 19.12
N GLY B 40 -9.46 5.85 19.69
CA GLY B 40 -9.33 6.28 21.08
C GLY B 40 -9.16 7.78 21.29
N SER B 41 -9.34 8.57 20.24
CA SER B 41 -9.45 10.03 20.40
C SER B 41 -10.34 10.62 19.30
N SER B 42 -10.68 11.90 19.43
CA SER B 42 -11.71 12.46 18.55
C SER B 42 -11.30 13.72 17.78
N ASN B 43 -10.02 14.10 17.85
CA ASN B 43 -9.52 15.26 17.12
C ASN B 43 -8.58 14.87 16.00
N VAL B 44 -8.51 15.74 14.98
CA VAL B 44 -7.50 15.62 13.93
C VAL B 44 -6.44 16.65 14.19
N TRP B 45 -5.18 16.26 14.07
CA TRP B 45 -4.10 17.24 14.12
C TRP B 45 -2.88 16.78 13.34
N VAL B 46 -2.15 17.77 12.81
CA VAL B 46 -0.84 17.57 12.17
C VAL B 46 0.10 18.61 12.77
N PRO B 47 1.42 18.41 12.65
CA PRO B 47 2.39 19.43 13.07
C PRO B 47 2.40 20.66 12.16
N SER B 48 2.66 21.84 12.72
CA SER B 48 2.60 23.11 11.95
C SER B 48 3.96 23.64 11.45
N SER B 49 3.90 24.44 10.40
CA SER B 49 5.05 25.23 9.96
C SER B 49 5.46 26.25 11.03
N LYS B 50 4.46 26.70 11.79
CA LYS B 50 4.64 27.59 12.92
C LYS B 50 5.24 26.88 14.14
N CYS B 51 5.46 25.56 14.05
CA CYS B 51 6.11 24.84 15.15
C CYS B 51 7.62 25.14 15.23
N SER B 52 8.02 25.85 16.30
CA SER B 52 9.42 26.23 16.51
C SER B 52 10.37 25.03 16.44
N ARG B 53 11.56 25.25 15.88
CA ARG B 53 12.55 24.19 15.62
C ARG B 53 13.24 23.67 16.90
N LEU B 54 12.98 24.31 18.04
CA LEU B 54 13.45 23.81 19.33
C LEU B 54 13.05 22.34 19.53
N TYR B 55 11.74 22.11 19.61
CA TYR B 55 11.17 20.77 19.70
C TYR B 55 11.73 20.01 18.53
N THR B 56 12.72 19.17 18.81
CA THR B 56 13.41 18.43 17.77
C THR B 56 12.47 17.47 17.01
N ALA B 57 11.33 17.13 17.61
CA ALA B 57 10.31 16.34 16.93
C ALA B 57 9.63 17.07 15.75
N CYS B 58 9.70 18.40 15.72
CA CYS B 58 9.19 19.19 14.59
C CYS B 58 10.17 19.27 13.43
N VAL B 59 11.47 19.17 13.69
CA VAL B 59 12.45 19.15 12.61
C VAL B 59 12.33 17.84 11.82
N TYR B 60 11.91 16.78 12.50
CA TYR B 60 11.88 15.43 11.92
C TYR B 60 10.48 14.94 11.49
N HIS B 61 9.53 15.87 11.37
CA HIS B 61 8.20 15.53 10.85
C HIS B 61 7.69 16.56 9.86
N LYS B 62 6.88 16.09 8.92
CA LYS B 62 6.27 16.94 7.91
C LYS B 62 5.45 18.00 8.64
N LEU B 63 5.51 19.23 8.14
CA LEU B 63 4.85 20.37 8.77
C LEU B 63 3.83 20.94 7.80
N PHE B 64 2.64 21.26 8.29
CA PHE B 64 1.60 21.92 7.48
C PHE B 64 1.86 23.42 7.35
N ASP B 65 1.68 23.92 6.15
CA ASP B 65 1.92 25.34 5.85
C ASP B 65 0.65 25.99 5.31
N ALA B 66 -0.08 26.65 6.20
CA ALA B 66 -1.30 27.39 5.83
C ALA B 66 -1.09 28.38 4.68
N SER B 67 0.04 29.08 4.66
CA SER B 67 0.33 30.09 3.65
CA SER B 67 0.28 30.11 3.66
C SER B 67 0.19 29.53 2.23
N ASP B 68 0.50 28.25 2.09
CA ASP B 68 0.46 27.58 0.77
C ASP B 68 -0.84 26.83 0.46
N SER B 69 -1.97 27.21 1.05
CA SER B 69 -3.26 26.56 0.75
C SER B 69 -4.38 27.57 0.51
N SER B 70 -4.96 27.50 -0.69
CA SER B 70 -6.02 28.41 -1.11
C SER B 70 -7.38 28.09 -0.46
N SER B 71 -7.45 27.02 0.33
CA SER B 71 -8.68 26.65 1.05
C SER B 71 -8.55 26.77 2.57
N TYR B 72 -7.39 27.18 3.06
CA TYR B 72 -7.18 27.47 4.48
C TYR B 72 -8.04 28.65 4.95
N LYS B 73 -8.58 28.52 6.16
CA LYS B 73 -9.42 29.53 6.79
C LYS B 73 -9.07 29.55 8.28
N HIS B 74 -8.44 30.64 8.69
CA HIS B 74 -7.92 30.85 10.06
C HIS B 74 -8.96 30.58 11.18
N ASN B 75 -8.53 30.02 12.31
CA ASN B 75 -9.38 29.99 13.54
C ASN B 75 -8.56 30.45 14.76
N GLY B 76 -7.43 29.81 14.98
CA GLY B 76 -6.47 30.28 15.99
C GLY B 76 -6.73 29.86 17.42
N THR B 77 -7.88 29.22 17.68
CA THR B 77 -8.26 28.81 19.03
C THR B 77 -7.30 27.78 19.58
N GLU B 78 -6.85 27.97 20.81
CA GLU B 78 -5.87 27.07 21.42
C GLU B 78 -6.54 25.79 21.87
N LEU B 79 -5.75 24.72 21.89
CA LEU B 79 -6.24 23.41 22.29
C LEU B 79 -5.06 22.55 22.74
N THR B 80 -5.31 21.70 23.74
CA THR B 80 -4.32 20.75 24.21
C THR B 80 -4.90 19.34 24.15
N LEU B 81 -4.09 18.41 23.64
CA LEU B 81 -4.52 17.03 23.41
C LEU B 81 -3.66 16.14 24.27
N ARG B 82 -4.28 15.44 25.21
CA ARG B 82 -3.57 14.56 26.15
C ARG B 82 -3.82 13.07 25.82
N TYR B 83 -2.76 12.39 25.39
CA TYR B 83 -2.79 10.96 25.19
C TYR B 83 -2.14 10.28 26.41
N SER B 84 -2.36 8.98 26.52
CA SER B 84 -1.78 8.19 27.59
C SER B 84 -0.25 8.22 27.55
N THR B 85 0.31 8.42 26.37
CA THR B 85 1.74 8.55 26.21
C THR B 85 2.04 9.83 25.45
N GLY B 86 2.14 10.96 26.14
CA GLY B 86 2.50 12.23 25.50
C GLY B 86 1.35 13.21 25.26
N THR B 87 1.69 14.50 25.17
CA THR B 87 0.71 15.60 25.09
C THR B 87 1.15 16.62 24.03
N VAL B 88 0.21 17.03 23.17
CA VAL B 88 0.49 18.07 22.20
C VAL B 88 -0.44 19.28 22.40
N SER B 89 0.10 20.46 22.15
CA SER B 89 -0.70 21.68 22.15
C SER B 89 -0.51 22.38 20.82
N GLY B 90 -1.43 23.30 20.52
CA GLY B 90 -1.44 23.95 19.22
C GLY B 90 -2.71 24.76 19.04
N PHE B 91 -3.05 25.07 17.80
CA PHE B 91 -4.22 25.90 17.52
C PHE B 91 -5.04 25.36 16.36
N LEU B 92 -6.31 25.77 16.34
CA LEU B 92 -7.28 25.25 15.39
CA LEU B 92 -7.28 25.24 15.38
C LEU B 92 -7.19 25.94 14.02
N SER B 93 -7.24 25.14 12.96
CA SER B 93 -7.25 25.63 11.59
C SER B 93 -8.36 24.91 10.82
N GLN B 94 -8.70 25.41 9.64
CA GLN B 94 -9.70 24.76 8.76
C GLN B 94 -9.17 24.58 7.35
N ASP B 95 -9.48 23.45 6.73
CA ASP B 95 -9.11 23.19 5.34
C ASP B 95 -9.76 21.93 4.78
N ILE B 96 -9.51 21.68 3.50
CA ILE B 96 -9.97 20.46 2.88
C ILE B 96 -8.96 19.38 3.25
N ILE B 97 -9.44 18.32 3.88
CA ILE B 97 -8.64 17.11 4.11
C ILE B 97 -9.15 16.09 3.12
N THR B 98 -8.22 15.38 2.49
CA THR B 98 -8.55 14.33 1.54
C THR B 98 -8.08 12.98 2.13
N VAL B 99 -8.99 12.01 2.14
CA VAL B 99 -8.78 10.73 2.77
C VAL B 99 -9.28 9.66 1.81
N GLY B 100 -8.34 9.10 1.05
CA GLY B 100 -8.61 8.03 0.11
C GLY B 100 -9.79 8.25 -0.82
N GLY B 101 -9.74 9.30 -1.63
CA GLY B 101 -10.88 9.56 -2.53
C GLY B 101 -12.00 10.48 -2.02
N ILE B 102 -12.12 10.65 -0.71
CA ILE B 102 -13.08 11.62 -0.16
C ILE B 102 -12.43 12.94 0.21
N THR B 103 -13.09 14.02 -0.16
CA THR B 103 -12.68 15.38 0.15
C THR B 103 -13.66 15.96 1.15
N VAL B 104 -13.18 16.33 2.34
CA VAL B 104 -14.05 16.88 3.37
C VAL B 104 -13.44 18.09 4.07
N THR B 105 -14.27 19.12 4.28
CA THR B 105 -13.87 20.32 4.99
C THR B 105 -13.89 20.04 6.49
N GLN B 106 -12.77 20.35 7.14
CA GLN B 106 -12.47 19.89 8.47
C GLN B 106 -11.67 20.88 9.32
N MET B 107 -12.04 20.99 10.59
CA MET B 107 -11.27 21.74 11.58
C MET B 107 -10.33 20.78 12.29
N PHE B 108 -9.09 21.23 12.50
CA PHE B 108 -8.06 20.35 13.01
C PHE B 108 -6.99 21.16 13.72
N GLY B 109 -6.09 20.45 14.39
CA GLY B 109 -5.01 21.08 15.13
C GLY B 109 -3.75 21.27 14.32
N GLU B 110 -3.24 22.49 14.32
CA GLU B 110 -1.86 22.75 13.92
C GLU B 110 -1.05 22.68 15.19
N VAL B 111 -0.29 21.60 15.35
CA VAL B 111 0.47 21.40 16.59
C VAL B 111 1.79 22.18 16.57
N THR B 112 1.98 23.00 17.61
CA THR B 112 3.16 23.84 17.75
C THR B 112 4.06 23.37 18.90
N GLU B 113 3.52 22.59 19.83
CA GLU B 113 4.32 21.97 20.90
C GLU B 113 4.27 20.46 20.78
N MET B 114 5.44 19.87 20.56
CA MET B 114 5.56 18.47 20.18
C MET B 114 6.74 17.85 20.90
N PRO B 115 6.52 17.41 22.15
CA PRO B 115 7.58 16.89 23.02
C PRO B 115 8.36 15.74 22.39
N ALA B 116 9.69 15.80 22.45
CA ALA B 116 10.54 14.69 21.97
C ALA B 116 10.09 13.37 22.58
N LEU B 117 9.77 13.41 23.86
CA LEU B 117 9.16 12.26 24.53
C LEU B 117 7.65 12.40 24.43
N PRO B 118 6.98 11.47 23.69
CA PRO B 118 7.45 10.36 22.88
C PRO B 118 7.54 10.60 21.37
N PHE B 119 7.23 11.81 20.91
CA PHE B 119 7.02 12.01 19.47
C PHE B 119 8.27 11.92 18.60
N MET B 120 9.48 11.82 19.16
CA MET B 120 10.65 11.43 18.36
C MET B 120 10.55 9.97 17.90
N LEU B 121 9.80 9.17 18.65
CA LEU B 121 9.55 7.77 18.33
C LEU B 121 8.42 7.57 17.32
N ALA B 122 7.70 8.65 17.00
CA ALA B 122 6.52 8.59 16.14
C ALA B 122 6.94 8.53 14.69
N GLU B 123 6.61 7.43 14.00
CA GLU B 123 6.87 7.31 12.57
C GLU B 123 5.86 8.09 11.73
N PHE B 124 4.74 8.41 12.36
CA PHE B 124 3.68 9.18 11.74
C PHE B 124 3.85 10.63 12.10
N ASP B 125 3.23 11.51 11.30
CA ASP B 125 3.27 12.94 11.54
C ASP B 125 2.16 13.32 12.50
N GLY B 126 0.96 12.78 12.27
CA GLY B 126 -0.21 13.26 12.98
C GLY B 126 -1.23 12.22 13.33
N VAL B 127 -2.42 12.66 13.71
CA VAL B 127 -3.46 11.78 14.19
C VAL B 127 -4.82 12.17 13.62
N VAL B 128 -5.56 11.16 13.15
CA VAL B 128 -6.92 11.35 12.70
C VAL B 128 -7.84 10.61 13.68
N GLY B 129 -8.51 11.40 14.53
CA GLY B 129 -9.37 10.86 15.56
C GLY B 129 -10.70 10.34 15.04
N MET B 130 -10.93 9.05 15.27
CA MET B 130 -12.12 8.40 14.82
C MET B 130 -13.11 8.23 15.95
N GLY B 131 -12.84 8.84 17.10
CA GLY B 131 -13.77 8.78 18.25
C GLY B 131 -14.96 9.70 18.07
N PHE B 132 -15.72 9.89 19.16
CA PHE B 132 -16.99 10.64 19.13
C PHE B 132 -16.80 12.11 19.55
N ILE B 133 -17.74 12.98 19.12
CA ILE B 133 -17.73 14.41 19.47
C ILE B 133 -17.72 14.62 20.98
N GLU B 134 -18.40 13.75 21.71
CA GLU B 134 -18.47 13.84 23.17
C GLU B 134 -17.09 13.96 23.82
N GLN B 135 -16.07 13.43 23.15
CA GLN B 135 -14.72 13.42 23.69
C GLN B 135 -13.74 14.29 22.90
N ALA B 136 -14.26 15.09 21.99
CA ALA B 136 -13.43 15.96 21.19
C ALA B 136 -13.10 17.22 21.99
N ILE B 137 -11.81 17.49 22.14
CA ILE B 137 -11.36 18.72 22.76
C ILE B 137 -11.85 19.89 21.89
N GLY B 138 -12.35 20.94 22.55
CA GLY B 138 -12.91 22.10 21.86
C GLY B 138 -14.25 21.85 21.19
N ARG B 139 -14.85 20.70 21.48
CA ARG B 139 -16.06 20.24 20.79
C ARG B 139 -16.03 20.44 19.25
N VAL B 140 -14.89 20.16 18.64
CA VAL B 140 -14.75 20.23 17.19
C VAL B 140 -15.39 18.99 16.56
N THR B 141 -16.29 19.20 15.60
CA THR B 141 -16.89 18.11 14.87
C THR B 141 -15.79 17.17 14.34
N PRO B 142 -15.79 15.88 14.77
CA PRO B 142 -14.76 14.95 14.33
C PRO B 142 -14.90 14.60 12.86
N ILE B 143 -13.80 14.21 12.21
CA ILE B 143 -13.82 14.04 10.77
C ILE B 143 -14.90 13.06 10.27
N PHE B 144 -15.08 11.93 10.94
CA PHE B 144 -16.07 10.96 10.47
C PHE B 144 -17.47 11.56 10.46
N ASP B 145 -17.84 12.26 11.53
CA ASP B 145 -19.14 12.94 11.57
C ASP B 145 -19.32 13.85 10.36
N ASN B 146 -18.30 14.65 10.07
CA ASN B 146 -18.35 15.52 8.89
C ASN B 146 -18.50 14.74 7.59
N ILE B 147 -17.96 13.53 7.52
CA ILE B 147 -18.06 12.74 6.28
C ILE B 147 -19.42 12.08 6.19
N ILE B 148 -20.00 11.68 7.32
CA ILE B 148 -21.37 11.16 7.31
C ILE B 148 -22.32 12.24 6.79
N SER B 149 -22.09 13.49 7.17
CA SER B 149 -22.96 14.61 6.79
C SER B 149 -23.02 14.86 5.28
N GLN B 150 -22.01 14.38 4.54
CA GLN B 150 -21.98 14.48 3.08
C GLN B 150 -23.00 13.55 2.41
N GLY B 151 -23.42 12.50 3.11
CA GLY B 151 -24.38 11.53 2.57
C GLY B 151 -23.87 10.74 1.37
N VAL B 152 -22.56 10.46 1.36
CA VAL B 152 -21.93 9.74 0.26
C VAL B 152 -21.62 8.28 0.61
N LEU B 153 -21.40 7.99 1.90
CA LEU B 153 -21.00 6.65 2.38
C LEU B 153 -22.14 5.66 2.35
N LYS B 154 -21.85 4.42 1.98
CA LYS B 154 -22.88 3.42 1.81
C LYS B 154 -23.50 3.01 3.15
N GLU B 155 -22.66 2.85 4.18
CA GLU B 155 -23.14 2.59 5.54
C GLU B 155 -22.38 3.52 6.48
N ASP B 156 -22.92 3.71 7.67
CA ASP B 156 -22.33 4.66 8.63
CA ASP B 156 -22.40 4.63 8.67
C ASP B 156 -21.42 3.90 9.61
N VAL B 157 -20.37 3.32 9.03
CA VAL B 157 -19.38 2.54 9.78
C VAL B 157 -17.99 2.69 9.16
N PHE B 158 -16.95 2.33 9.89
CA PHE B 158 -15.62 2.22 9.33
C PHE B 158 -14.92 1.02 9.92
N SER B 159 -13.93 0.50 9.19
CA SER B 159 -13.30 -0.76 9.54
C SER B 159 -11.77 -0.69 9.44
N PHE B 160 -11.13 -1.52 10.25
CA PHE B 160 -9.70 -1.58 10.40
C PHE B 160 -9.24 -2.99 10.15
N TYR B 161 -8.21 -3.11 9.31
CA TYR B 161 -7.41 -4.32 9.21
C TYR B 161 -5.98 -3.93 9.60
N TYR B 162 -5.44 -4.56 10.64
CA TYR B 162 -4.01 -4.46 10.92
C TYR B 162 -3.37 -5.84 10.60
N ASN B 163 -2.24 -5.82 9.91
CA ASN B 163 -1.53 -7.02 9.45
C ASN B 163 -0.37 -7.33 10.40
N ARG B 164 0.10 -8.58 10.41
CA ARG B 164 1.39 -8.95 11.03
C ARG B 164 2.55 -8.42 10.21
N ASP B 165 3.57 -7.89 10.88
CA ASP B 165 4.79 -7.42 10.22
C ASP B 165 5.61 -8.57 9.64
N SER B 166 6.17 -8.31 8.45
CA SER B 166 6.92 -9.33 7.70
C SER B 166 8.13 -8.74 6.96
N GLU B 167 9.29 -9.36 7.21
CA GLU B 167 10.57 -8.97 6.61
C GLU B 167 10.76 -9.58 5.22
N ASN B 168 9.95 -10.58 4.89
CA ASN B 168 10.13 -11.34 3.65
C ASN B 168 9.08 -11.00 2.58
N SER B 169 8.28 -9.97 2.86
CA SER B 169 7.26 -9.50 1.92
C SER B 169 6.96 -8.00 2.12
N GLN B 170 6.67 -7.32 1.01
CA GLN B 170 6.23 -5.93 1.06
C GLN B 170 4.69 -5.89 0.96
N SER B 171 4.05 -6.61 1.88
CA SER B 171 2.59 -6.74 1.95
C SER B 171 1.97 -5.43 2.39
N LEU B 172 0.64 -5.35 2.42
CA LEU B 172 -0.02 -4.18 2.98
C LEU B 172 0.05 -4.32 4.48
N GLY B 173 0.39 -3.23 5.15
CA GLY B 173 0.53 -3.21 6.61
C GLY B 173 -0.82 -3.14 7.30
N GLY B 174 -1.82 -2.66 6.56
CA GLY B 174 -3.18 -2.54 7.04
C GLY B 174 -4.07 -1.75 6.10
N GLN B 175 -5.35 -1.68 6.47
CA GLN B 175 -6.33 -0.96 5.69
C GLN B 175 -7.47 -0.44 6.58
N ILE B 176 -7.84 0.81 6.38
CA ILE B 176 -9.06 1.36 6.97
C ILE B 176 -10.01 1.53 5.81
N VAL B 177 -11.23 1.05 5.97
CA VAL B 177 -12.31 1.27 5.02
C VAL B 177 -13.34 2.17 5.69
N LEU B 178 -13.53 3.36 5.14
CA LEU B 178 -14.61 4.26 5.53
C LEU B 178 -15.87 3.91 4.74
N GLY B 179 -16.97 3.63 5.45
CA GLY B 179 -18.27 3.37 4.82
C GLY B 179 -18.59 1.91 4.65
N GLY B 180 -17.67 1.04 5.02
CA GLY B 180 -17.93 -0.39 5.01
C GLY B 180 -16.77 -1.25 5.49
N SER B 181 -16.70 -2.44 4.92
CA SER B 181 -15.74 -3.46 5.29
C SER B 181 -15.22 -4.16 4.04
N ASP B 182 -14.05 -4.78 4.14
CA ASP B 182 -13.46 -5.50 3.02
C ASP B 182 -13.45 -7.00 3.32
N PRO B 183 -14.31 -7.76 2.66
CA PRO B 183 -14.30 -9.22 2.91
C PRO B 183 -12.96 -9.91 2.59
N GLN B 184 -12.11 -9.31 1.77
CA GLN B 184 -10.77 -9.88 1.54
C GLN B 184 -9.95 -10.11 2.81
N HIS B 185 -10.19 -9.31 3.86
CA HIS B 185 -9.36 -9.36 5.08
C HIS B 185 -10.06 -9.89 6.34
N TYR B 186 -11.23 -10.52 6.17
CA TYR B 186 -11.75 -11.38 7.23
C TYR B 186 -12.41 -12.62 6.65
N GLU B 187 -12.73 -13.57 7.52
CA GLU B 187 -13.52 -14.70 7.10
C GLU B 187 -14.75 -14.86 7.95
N GLY B 188 -15.76 -15.48 7.37
CA GLY B 188 -17.04 -15.68 8.03
C GLY B 188 -17.80 -14.38 8.17
N ASN B 189 -18.50 -14.23 9.29
CA ASN B 189 -19.41 -13.11 9.51
C ASN B 189 -19.14 -12.40 10.80
N PHE B 190 -19.39 -11.10 10.82
CA PHE B 190 -19.30 -10.32 12.04
C PHE B 190 -20.31 -10.70 13.10
N HIS B 191 -19.84 -10.64 14.33
CA HIS B 191 -20.70 -10.67 15.49
CA HIS B 191 -20.68 -10.66 15.54
C HIS B 191 -20.41 -9.36 16.25
N TYR B 192 -21.47 -8.68 16.67
CA TYR B 192 -21.33 -7.34 17.22
C TYR B 192 -21.53 -7.30 18.71
N ILE B 193 -20.82 -6.37 19.36
CA ILE B 193 -21.06 -6.05 20.75
C ILE B 193 -21.49 -4.60 20.85
N ASN B 194 -22.59 -4.35 21.55
CA ASN B 194 -23.09 -3.00 21.69
C ASN B 194 -22.21 -2.19 22.62
N LEU B 195 -22.15 -0.88 22.38
CA LEU B 195 -21.39 0.03 23.25
C LEU B 195 -22.10 0.16 24.56
N ILE B 196 -21.36 0.30 25.66
CA ILE B 196 -21.96 0.63 26.95
C ILE B 196 -22.75 1.94 26.87
N LYS B 197 -22.22 2.91 26.12
CA LYS B 197 -22.94 4.15 25.83
C LYS B 197 -22.35 4.81 24.61
N THR B 198 -23.19 5.49 23.83
CA THR B 198 -22.69 6.32 22.76
C THR B 198 -21.67 7.28 23.38
N GLY B 199 -20.65 7.63 22.61
CA GLY B 199 -19.68 8.59 23.08
C GLY B 199 -18.27 8.06 23.26
N VAL B 200 -18.11 6.77 23.59
CA VAL B 200 -16.79 6.14 23.64
C VAL B 200 -16.85 4.77 22.98
N TRP B 201 -15.79 4.40 22.27
CA TRP B 201 -15.70 3.08 21.67
C TRP B 201 -15.31 2.08 22.73
N GLN B 202 -16.25 1.84 23.65
CA GLN B 202 -15.99 1.08 24.85
C GLN B 202 -17.12 0.10 25.08
N ILE B 203 -16.77 -1.15 25.34
CA ILE B 203 -17.75 -2.20 25.51
C ILE B 203 -17.54 -2.87 26.86
N GLN B 204 -18.59 -3.57 27.31
CA GLN B 204 -18.52 -4.40 28.49
C GLN B 204 -17.77 -5.66 28.17
N MET B 205 -16.88 -6.08 29.08
CA MET B 205 -16.18 -7.37 29.00
C MET B 205 -16.61 -8.23 30.21
N LYS B 206 -16.95 -9.49 29.95
CA LYS B 206 -17.56 -10.34 30.93
C LYS B 206 -16.57 -11.36 31.51
N GLY B 207 -15.28 -11.18 31.24
CA GLY B 207 -14.25 -12.10 31.74
C GLY B 207 -13.00 -12.11 30.86
N VAL B 208 -11.83 -12.26 31.48
CA VAL B 208 -10.61 -12.59 30.73
C VAL B 208 -9.97 -13.84 31.32
N SER B 209 -9.96 -14.92 30.53
CA SER B 209 -9.43 -16.19 31.00
C SER B 209 -8.06 -16.49 30.43
N VAL B 210 -7.27 -17.17 31.23
CA VAL B 210 -5.95 -17.63 30.87
C VAL B 210 -5.97 -19.15 30.88
N GLY B 211 -6.10 -19.75 29.71
CA GLY B 211 -6.21 -21.19 29.57
C GLY B 211 -7.57 -21.67 30.09
N SER B 212 -7.53 -22.46 31.16
CA SER B 212 -8.71 -23.12 31.72
C SER B 212 -9.06 -22.53 33.10
N SER B 213 -9.51 -21.27 33.10
CA SER B 213 -10.06 -20.58 34.27
C SER B 213 -10.25 -19.09 33.99
N THR B 214 -11.49 -18.60 34.10
CA THR B 214 -11.76 -17.16 34.09
C THR B 214 -11.18 -16.52 35.36
N LEU B 215 -9.87 -16.33 35.36
CA LEU B 215 -9.19 -15.83 36.54
C LEU B 215 -9.05 -14.31 36.57
N LEU B 216 -9.52 -13.60 35.53
CA LEU B 216 -9.52 -12.14 35.58
C LEU B 216 -10.85 -11.58 35.11
N CYS B 217 -11.20 -10.41 35.63
CA CYS B 217 -12.42 -9.71 35.22
C CYS B 217 -13.68 -10.58 35.37
N GLU B 218 -13.77 -11.38 36.44
CA GLU B 218 -15.07 -11.92 36.86
C GLU B 218 -15.78 -10.70 37.43
N ASP B 219 -17.11 -10.72 37.49
CA ASP B 219 -17.88 -9.50 37.87
C ASP B 219 -17.73 -8.38 36.84
N GLY B 220 -17.19 -8.69 35.67
CA GLY B 220 -17.10 -7.73 34.57
C GLY B 220 -16.10 -6.60 34.68
N CYS B 221 -15.77 -6.01 33.54
CA CYS B 221 -14.94 -4.81 33.47
C CYS B 221 -15.17 -4.16 32.11
N LEU B 222 -14.51 -3.03 31.86
CA LEU B 222 -14.66 -2.26 30.62
C LEU B 222 -13.55 -2.59 29.66
N ALA B 223 -13.85 -2.49 28.36
CA ALA B 223 -12.83 -2.62 27.31
C ALA B 223 -12.99 -1.53 26.25
N LEU B 224 -12.02 -0.63 26.18
CA LEU B 224 -11.91 0.32 25.09
C LEU B 224 -11.31 -0.44 23.91
N VAL B 225 -11.83 -0.23 22.70
CA VAL B 225 -11.26 -0.85 21.48
C VAL B 225 -10.52 0.24 20.76
N ASP B 226 -9.20 0.23 20.90
CA ASP B 226 -8.38 1.39 20.58
C ASP B 226 -7.41 1.12 19.45
N THR B 227 -7.77 1.60 18.27
CA THR B 227 -6.96 1.40 17.10
C THR B 227 -5.71 2.24 17.15
N GLY B 228 -5.66 3.19 18.06
CA GLY B 228 -4.48 4.04 18.23
C GLY B 228 -3.51 3.60 19.29
N ALA B 229 -3.70 2.40 19.86
CA ALA B 229 -2.80 1.83 20.88
C ALA B 229 -2.09 0.58 20.37
N SER B 230 -0.80 0.46 20.67
CA SER B 230 0.00 -0.66 20.16
C SER B 230 -0.46 -2.04 20.68
N TYR B 231 -0.96 -2.09 21.91
CA TYR B 231 -1.08 -3.34 22.63
C TYR B 231 -2.48 -3.61 23.19
N ILE B 232 -2.68 -4.81 23.74
CA ILE B 232 -3.78 -5.04 24.66
C ILE B 232 -3.25 -4.53 25.99
N SER B 233 -3.93 -3.57 26.59
CA SER B 233 -3.55 -3.12 27.91
C SER B 233 -4.59 -3.51 28.93
N GLY B 234 -4.13 -3.73 30.14
CA GLY B 234 -5.00 -3.78 31.32
C GLY B 234 -4.38 -2.94 32.41
N SER B 235 -5.07 -2.84 33.55
CA SER B 235 -4.56 -2.09 34.71
C SER B 235 -3.31 -2.77 35.27
N THR B 236 -2.52 -2.02 36.04
CA THR B 236 -1.25 -2.52 36.56
C THR B 236 -1.49 -3.80 37.36
N SER B 237 -2.47 -3.76 38.24
CA SER B 237 -2.77 -4.96 39.03
C SER B 237 -3.25 -6.08 38.12
N SER B 238 -4.16 -5.79 37.20
CA SER B 238 -4.69 -6.80 36.29
C SER B 238 -3.55 -7.52 35.54
N ILE B 239 -2.70 -6.73 34.88
CA ILE B 239 -1.58 -7.29 34.13
C ILE B 239 -0.57 -8.03 35.01
N GLU B 240 -0.36 -7.55 36.24
CA GLU B 240 0.54 -8.22 37.20
C GLU B 240 0.13 -9.66 37.43
N LYS B 241 -1.18 -9.86 37.59
CA LYS B 241 -1.75 -11.17 37.85
C LYS B 241 -1.79 -11.99 36.56
N LEU B 242 -2.02 -11.31 35.44
CA LEU B 242 -1.97 -11.95 34.12
C LEU B 242 -0.58 -12.54 33.83
N MET B 243 0.46 -11.77 34.15
CA MET B 243 1.83 -12.20 33.88
C MET B 243 2.29 -13.30 34.83
N GLU B 244 1.82 -13.27 36.07
CA GLU B 244 2.13 -14.34 37.02
C GLU B 244 1.58 -15.65 36.50
N ALA B 245 0.35 -15.61 35.98
CA ALA B 245 -0.29 -16.79 35.41
C ALA B 245 0.44 -17.34 34.18
N LEU B 246 1.13 -16.47 33.43
CA LEU B 246 1.86 -16.89 32.23
C LEU B 246 3.33 -17.30 32.47
N GLY B 247 3.83 -17.10 33.69
CA GLY B 247 5.25 -17.31 33.97
C GLY B 247 6.16 -16.17 33.50
N ALA B 248 5.59 -15.06 33.05
CA ALA B 248 6.38 -13.89 32.64
C ALA B 248 6.93 -13.06 33.82
N LYS B 249 8.07 -12.42 33.58
CA LYS B 249 8.74 -11.59 34.57
C LYS B 249 9.17 -10.22 33.99
N LYS B 250 9.17 -9.21 34.84
CA LYS B 250 9.75 -7.90 34.51
C LYS B 250 11.24 -8.02 34.33
N ARG B 251 11.67 -7.87 33.09
CA ARG B 251 13.08 -7.72 32.75
C ARG B 251 13.60 -6.46 33.48
N LEU B 252 13.56 -5.31 32.79
CA LEU B 252 13.75 -4.01 33.42
C LEU B 252 12.52 -3.19 33.13
N PHE B 253 12.22 -2.98 31.86
CA PHE B 253 11.10 -2.14 31.45
C PHE B 253 9.88 -2.98 31.15
N ASP B 254 10.07 -4.10 30.46
CA ASP B 254 8.96 -4.93 29.98
C ASP B 254 8.93 -6.34 30.58
N TYR B 255 7.80 -7.02 30.39
CA TYR B 255 7.65 -8.40 30.76
C TYR B 255 8.14 -9.29 29.63
N VAL B 256 8.82 -10.37 30.00
CA VAL B 256 9.41 -11.29 29.04
C VAL B 256 9.21 -12.75 29.39
N VAL B 257 9.39 -13.61 28.39
CA VAL B 257 9.47 -15.06 28.55
C VAL B 257 10.70 -15.56 27.80
N LYS B 258 11.20 -16.73 28.19
CA LYS B 258 12.23 -17.39 27.41
C LYS B 258 11.62 -17.73 26.07
N CYS B 259 12.30 -17.38 24.98
CA CYS B 259 11.69 -17.46 23.65
C CYS B 259 11.24 -18.87 23.27
N ASN B 260 11.97 -19.89 23.72
CA ASN B 260 11.60 -21.28 23.44
C ASN B 260 10.34 -21.72 24.16
N GLU B 261 9.99 -21.05 25.25
CA GLU B 261 8.82 -21.41 26.07
C GLU B 261 7.53 -20.68 25.68
N GLY B 262 7.61 -19.81 24.69
CA GLY B 262 6.43 -19.05 24.26
C GLY B 262 5.27 -19.95 23.85
N PRO B 263 5.52 -20.86 22.90
CA PRO B 263 4.54 -21.88 22.50
C PRO B 263 3.99 -22.79 23.60
N THR B 264 4.45 -22.65 24.85
CA THR B 264 3.86 -23.40 25.95
C THR B 264 2.85 -22.54 26.71
N LEU B 265 2.80 -21.24 26.42
CA LEU B 265 1.90 -20.32 27.10
C LEU B 265 0.43 -20.55 26.70
N PRO B 266 -0.49 -20.34 27.66
CA PRO B 266 -1.90 -20.67 27.42
C PRO B 266 -2.62 -19.63 26.58
N ASP B 267 -3.70 -20.05 25.96
CA ASP B 267 -4.55 -19.16 25.21
C ASP B 267 -5.12 -18.11 26.15
N ILE B 268 -5.17 -16.87 25.71
CA ILE B 268 -5.82 -15.80 26.44
C ILE B 268 -7.14 -15.53 25.73
N SER B 269 -8.22 -15.43 26.49
CA SER B 269 -9.56 -15.32 25.94
C SER B 269 -10.32 -14.17 26.55
N PHE B 270 -10.84 -13.29 25.69
CA PHE B 270 -11.61 -12.14 26.13
C PHE B 270 -13.06 -12.38 25.85
N HIS B 271 -13.86 -12.51 26.92
CA HIS B 271 -15.30 -12.79 26.80
C HIS B 271 -16.03 -11.49 26.53
N LEU B 272 -16.46 -11.34 25.28
CA LEU B 272 -17.10 -10.12 24.79
C LEU B 272 -18.41 -10.47 24.10
N GLY B 273 -19.50 -9.86 24.54
CA GLY B 273 -20.84 -10.06 23.96
C GLY B 273 -21.22 -11.52 23.73
N GLY B 274 -20.96 -12.38 24.72
CA GLY B 274 -21.45 -13.77 24.65
C GLY B 274 -20.48 -14.76 24.05
N LYS B 275 -19.56 -14.24 23.22
CA LYS B 275 -18.56 -15.02 22.49
C LYS B 275 -17.21 -14.88 23.19
N GLU B 276 -16.34 -15.86 22.96
CA GLU B 276 -14.98 -15.85 23.46
C GLU B 276 -14.02 -15.47 22.34
N TYR B 277 -13.28 -14.37 22.52
CA TYR B 277 -12.26 -13.92 21.56
C TYR B 277 -10.85 -14.32 22.01
N THR B 278 -10.29 -15.33 21.35
CA THR B 278 -9.08 -16.00 21.85
C THR B 278 -7.78 -15.63 21.10
N LEU B 279 -6.76 -15.17 21.83
CA LEU B 279 -5.44 -15.04 21.24
C LEU B 279 -4.59 -16.20 21.75
N THR B 280 -3.87 -16.84 20.82
CA THR B 280 -2.87 -17.84 21.17
C THR B 280 -1.57 -17.13 21.48
N SER B 281 -0.60 -17.89 21.99
CA SER B 281 0.71 -17.32 22.32
C SER B 281 1.36 -16.71 21.09
N ALA B 282 1.19 -17.33 19.93
CA ALA B 282 1.69 -16.76 18.69
C ALA B 282 1.14 -15.35 18.44
N ASP B 283 -0.12 -15.14 18.82
CA ASP B 283 -0.76 -13.85 18.61
C ASP B 283 -0.33 -12.77 19.62
N TYR B 284 0.08 -13.17 20.83
CA TYR B 284 0.45 -12.17 21.86
C TYR B 284 1.93 -12.09 22.22
N VAL B 285 2.75 -13.04 21.81
CA VAL B 285 4.18 -12.90 22.09
C VAL B 285 4.95 -12.59 20.82
N PHE B 286 5.89 -11.67 20.97
CA PHE B 286 6.80 -11.32 19.91
C PHE B 286 7.89 -12.35 19.83
N GLN B 287 7.65 -13.39 19.03
CA GLN B 287 8.65 -14.43 18.82
C GLN B 287 9.72 -13.91 17.88
N GLU B 288 10.39 -12.85 18.33
CA GLU B 288 11.57 -12.25 17.69
C GLU B 288 12.65 -13.31 17.41
N SER B 289 12.52 -14.43 18.11
CA SER B 289 13.42 -15.58 18.01
C SER B 289 12.72 -16.72 18.75
N TYR B 290 13.20 -17.95 18.64
CA TYR B 290 12.60 -19.07 19.38
C TYR B 290 13.60 -19.83 20.26
N SER B 291 14.81 -19.30 20.43
CA SER B 291 15.84 -20.06 21.15
C SER B 291 15.65 -20.11 22.67
N SER B 292 16.23 -21.14 23.27
CA SER B 292 16.36 -21.29 24.70
C SER B 292 17.37 -20.30 25.32
N LYS B 293 18.11 -19.58 24.49
CA LYS B 293 19.16 -18.66 24.94
C LYS B 293 18.75 -17.17 24.87
N LYS B 294 17.52 -16.89 24.44
CA LYS B 294 17.03 -15.51 24.30
C LYS B 294 15.73 -15.30 25.07
N LEU B 295 15.43 -14.02 25.34
CA LEU B 295 14.20 -13.63 26.00
C LEU B 295 13.32 -12.94 24.97
N CYS B 296 12.00 -13.06 25.13
CA CYS B 296 11.05 -12.49 24.18
C CYS B 296 9.96 -11.70 24.93
N THR B 297 9.59 -10.55 24.38
CA THR B 297 8.57 -9.68 24.96
C THR B 297 7.17 -10.01 24.49
N LEU B 298 6.19 -9.52 25.26
CA LEU B 298 4.77 -9.79 25.00
C LEU B 298 4.11 -8.54 24.44
N ALA B 299 3.00 -8.69 23.73
CA ALA B 299 2.30 -7.54 23.17
C ALA B 299 1.13 -7.12 24.07
N ILE B 300 1.33 -7.30 25.38
CA ILE B 300 0.37 -6.91 26.41
C ILE B 300 1.12 -6.13 27.46
N HIS B 301 0.63 -4.95 27.80
CA HIS B 301 1.32 -4.02 28.70
C HIS B 301 0.36 -3.43 29.74
N ALA B 302 0.89 -2.96 30.87
CA ALA B 302 0.06 -2.32 31.91
C ALA B 302 -0.18 -0.88 31.51
N MET B 303 -1.43 -0.43 31.58
CA MET B 303 -1.76 0.97 31.32
CA MET B 303 -1.79 0.95 31.28
C MET B 303 -2.89 1.39 32.25
N ASP B 304 -2.58 2.32 33.14
CA ASP B 304 -3.58 2.80 34.08
C ASP B 304 -4.22 4.02 33.44
N ILE B 305 -5.40 3.81 32.89
CA ILE B 305 -6.16 4.85 32.23
C ILE B 305 -6.99 5.56 33.30
N PRO B 306 -7.02 6.90 33.26
CA PRO B 306 -7.77 7.60 34.31
C PRO B 306 -9.21 7.87 33.90
N PRO B 307 -10.10 8.11 34.90
CA PRO B 307 -11.47 8.53 34.62
C PRO B 307 -11.54 9.76 33.70
N PRO B 308 -12.69 9.99 33.05
CA PRO B 308 -13.88 9.12 33.10
C PRO B 308 -13.72 7.83 32.26
N THR B 309 -12.98 7.94 31.15
CA THR B 309 -12.77 6.81 30.23
C THR B 309 -12.26 5.54 30.93
N GLY B 310 -11.31 5.69 31.85
CA GLY B 310 -10.78 4.54 32.62
C GLY B 310 -11.30 4.52 34.05
N PRO B 311 -10.88 3.50 34.86
CA PRO B 311 -9.98 2.41 34.52
C PRO B 311 -10.66 1.40 33.61
N THR B 312 -9.91 0.95 32.60
CA THR B 312 -10.42 0.04 31.58
C THR B 312 -9.31 -0.73 30.93
N TRP B 313 -9.65 -1.89 30.39
CA TRP B 313 -8.76 -2.56 29.45
C TRP B 313 -8.80 -1.76 28.18
N ALA B 314 -7.72 -1.82 27.41
CA ALA B 314 -7.72 -1.29 26.05
C ALA B 314 -7.38 -2.43 25.14
N LEU B 315 -8.07 -2.52 24.02
CA LEU B 315 -7.77 -3.54 23.04
C LEU B 315 -7.17 -2.87 21.81
N GLY B 316 -5.85 -2.90 21.72
CA GLY B 316 -5.18 -2.26 20.61
C GLY B 316 -4.78 -3.19 19.49
N ALA B 317 -3.76 -2.76 18.75
CA ALA B 317 -3.21 -3.50 17.61
C ALA B 317 -3.14 -5.00 17.80
N THR B 318 -2.67 -5.42 18.97
CA THR B 318 -2.50 -6.84 19.27
C THR B 318 -3.82 -7.58 18.97
N PHE B 319 -4.91 -7.09 19.54
CA PHE B 319 -6.24 -7.66 19.35
C PHE B 319 -6.73 -7.55 17.91
N ILE B 320 -6.57 -6.35 17.35
CA ILE B 320 -7.09 -6.04 16.02
C ILE B 320 -6.38 -6.89 14.95
N ARG B 321 -5.13 -7.24 15.22
CA ARG B 321 -4.37 -8.12 14.30
C ARG B 321 -5.07 -9.46 14.16
N LYS B 322 -5.62 -9.95 15.25
CA LYS B 322 -6.32 -11.22 15.22
C LYS B 322 -7.74 -11.02 14.68
N PHE B 323 -8.44 -10.02 15.18
CA PHE B 323 -9.83 -9.83 14.81
C PHE B 323 -10.04 -8.53 14.04
N TYR B 324 -10.41 -8.68 12.77
CA TYR B 324 -10.82 -7.56 11.92
C TYR B 324 -11.95 -6.86 12.64
N THR B 325 -11.92 -5.52 12.67
CA THR B 325 -12.88 -4.75 13.49
C THR B 325 -13.71 -3.76 12.68
N GLU B 326 -15.03 -3.81 12.80
CA GLU B 326 -15.91 -2.81 12.23
C GLU B 326 -16.54 -1.96 13.37
N PHE B 327 -16.34 -0.64 13.29
CA PHE B 327 -16.93 0.37 14.18
C PHE B 327 -18.23 0.96 13.59
N ASP B 328 -19.36 0.63 14.22
CA ASP B 328 -20.68 0.85 13.64
C ASP B 328 -21.33 2.01 14.34
N ARG B 329 -21.22 3.19 13.73
CA ARG B 329 -21.77 4.44 14.30
C ARG B 329 -23.29 4.54 14.31
N ARG B 330 -23.93 3.96 13.31
CA ARG B 330 -25.39 3.93 13.23
C ARG B 330 -26.04 3.21 14.40
N ASN B 331 -25.46 2.07 14.76
CA ASN B 331 -25.99 1.19 15.78
C ASN B 331 -25.23 1.25 17.12
N ASN B 332 -24.24 2.12 17.24
CA ASN B 332 -23.42 2.20 18.45
C ASN B 332 -22.99 0.83 18.95
N ARG B 333 -22.26 0.14 18.08
CA ARG B 333 -21.70 -1.16 18.38
C ARG B 333 -20.40 -1.38 17.63
N ILE B 334 -19.73 -2.47 17.97
CA ILE B 334 -18.47 -2.88 17.33
C ILE B 334 -18.59 -4.33 16.86
N GLY B 335 -18.24 -4.58 15.59
CA GLY B 335 -18.19 -5.93 15.02
C GLY B 335 -16.77 -6.48 14.96
N PHE B 336 -16.65 -7.78 15.19
CA PHE B 336 -15.39 -8.49 15.05
C PHE B 336 -15.59 -9.71 14.19
N ALA B 337 -14.59 -9.98 13.36
CA ALA B 337 -14.53 -11.24 12.62
C ALA B 337 -13.04 -11.60 12.46
N LEU B 338 -12.75 -12.87 12.24
CA LEU B 338 -11.36 -13.35 12.26
C LEU B 338 -10.47 -12.86 11.10
N ALA B 339 -9.18 -12.71 11.40
CA ALA B 339 -8.05 -12.91 10.44
C ALA B 339 -8.17 -11.77 9.49
N ARG B 340 -7.87 -11.91 8.18
CA ARG B 340 -7.10 -12.95 7.50
C ARG B 340 -6.20 -12.28 6.45
N1 LIY C . 11.58 -2.86 -20.01
N3 LIY C . 13.46 -3.73 -18.94
C4 LIY C . 11.80 -5.27 -19.93
C6 LIY C . 9.87 -6.66 -21.04
C7 LIY C . 13.29 -7.32 -20.16
C8 LIY C . 13.86 -8.42 -19.51
C10 LIY C . 12.81 -7.74 -17.39
C13 LIY C . 14.28 -9.82 -17.47
C15 LIY C . 13.31 -9.00 -15.24
C17 LIY C . 10.22 -7.37 -15.57
C20 LIY C . 9.17 -7.23 -19.82
C21 LIY C . 14.60 -8.55 -14.66
C22 LIY C . 15.14 -9.29 -13.60
C24 LIY C . 17.04 -7.84 -13.50
C26 LIY C . 15.31 -7.44 -15.14
C1 LIY C . 12.30 -3.92 -19.60
C3 LIY C . 10.52 -5.35 -20.67
N2 LIY C . 9.91 -4.21 -21.02
C2 LIY C . 10.42 -3.00 -20.68
N4 LIY C . 9.77 -1.88 -21.06
C12 LIY C . 12.52 -6.45 -19.43
C11 LIY C . 12.28 -6.67 -18.08
C9 LIY C . 13.64 -8.67 -18.17
C14 LIY C . 13.56 -10.17 -16.17
C23 LIY C . 16.35 -8.94 -13.02
C25 LIY C . 16.52 -7.08 -14.54
N5 LIY C . 12.60 -7.96 -16.01
C16 LIY C . 11.69 -7.14 -15.17
C18 LIY C . 9.33 -6.31 -14.94
O1 LIY C . 7.93 -6.56 -15.10
C19 LIY C . 7.11 -5.50 -14.55
N1 LIY D . -3.26 6.43 22.46
N3 LIY D . -1.04 6.29 23.22
C4 LIY D . -1.54 7.51 21.13
C6 LIY D . -2.27 8.70 18.95
C7 LIY D . 0.49 9.03 21.20
C8 LIY D . 1.85 9.20 20.95
C10 LIY D . 1.95 6.87 20.08
C13 LIY D . 4.07 8.34 20.14
C15 LIY D . 4.12 5.86 19.39
C17 LIY D . 1.25 4.60 17.92
C20 LIY D . -2.39 7.79 17.75
C21 LIY D . 4.80 5.30 20.59
C22 LIY D . 5.90 4.46 20.42
C24 LIY D . 6.13 4.18 22.82
C26 LIY D . 4.37 5.57 21.90
C1 LIY D . -1.95 6.72 22.31
C3 LIY D . -2.59 7.92 20.18
N2 LIY D . -3.87 7.56 20.47
C2 LIY D . -4.18 6.82 21.55
N4 LIY D . -5.48 6.48 21.77
C12 LIY D . -0.11 7.82 20.90
C11 LIY D . 0.59 6.76 20.35
C9 LIY D . 2.60 8.16 20.40
C14 LIY D . 4.52 7.31 19.12
C23 LIY D . 6.56 3.91 21.52
C25 LIY D . 5.02 5.02 23.01
N5 LIY D . 2.67 5.81 19.55
C16 LIY D . 2.09 4.50 19.20
C18 LIY D . 0.22 3.47 17.89
O1 LIY D . -0.37 3.36 16.60
C19 LIY D . -1.28 2.26 16.52
#